data_9C4D
#
_entry.id   9C4D
#
_cell.length_a   1.00
_cell.length_b   1.00
_cell.length_c   1.00
_cell.angle_alpha   90.00
_cell.angle_beta   90.00
_cell.angle_gamma   90.00
#
_symmetry.space_group_name_H-M   'P 1'
#
loop_
_entity.id
_entity.type
_entity.pdbx_description
1 polymer 'DNA (77-MER)'
2 polymer 'DNA (77-MER)'
3 polymer 'HTH-type transcriptional regulator MntR'
4 non-polymer 'MANGANESE (II) ION'
#
loop_
_entity_poly.entity_id
_entity_poly.type
_entity_poly.pdbx_seq_one_letter_code
_entity_poly.pdbx_strand_id
1 'polydeoxyribonucleotide'
;(DT)(DT)(DT)(DT)(DT)(DA)(DG)(DC)(DA)(DT)(DA)(DG)(DC)(DT)(DC)(DC)(DA)(DA)(DC)(DT)
(DT)(DT)(DT)(DT)(DT)(DT)(DC)(DT)(DG)(DT)(DC)(DA)(DC)(DC)(DT)(DT)(DA)(DT)(DT)(DT)
(DA)(DT)(DT)(DA)(DG)(DT)(DA)(DA)(DA)(DC)(DA)(DG)(DG)(DA)(DA)(DA)(DC)(DA)(DA)(DC)
(DG)(DT)(DT)(DG)(DC)(DT)(DA)(DT)(DA)(DG)(DA)(DC)(DC)(DC)(DA)(DC)(DT)
;
A
2 'polydeoxyribonucleotide'
;(DA)(DG)(DT)(DG)(DG)(DG)(DT)(DC)(DT)(DA)(DT)(DA)(DG)(DC)(DA)(DA)(DC)(DG)(DT)(DT)
(DG)(DT)(DT)(DT)(DC)(DC)(DT)(DG)(DT)(DT)(DT)(DA)(DC)(DT)(DA)(DA)(DT)(DA)(DA)(DA)
(DT)(DA)(DA)(DG)(DG)(DT)(DG)(DA)(DC)(DA)(DG)(DA)(DA)(DA)(DA)(DA)(DA)(DA)(DG)(DT)
(DT)(DG)(DG)(DA)(DG)(DC)(DT)(DA)(DT)(DG)(DC)(DT)(DA)(DA)(DA)(DA)(DA)
;
B
3 'polypeptide(L)'
;MTTPSMEDYIEQIYMLIEEKGYARVSDIAEALAVHPSSVTKMVQKLDKDEYLIYEKYRGLVLTSKGKKIGKRLVYRHELL
EQFLRIIGVDEEKIYNDVEGIEHHLSWNSIDRIGDLVQYFEEDDARKKDLKSIQKKTEHHNQ
;
C,D,E,F,G,H,I,J
#
# COMPACT_ATOMS: atom_id res chain seq x y z
N THR C 3 -92.58 29.66 -26.31
CA THR C 3 -91.91 29.92 -27.57
C THR C 3 -92.16 31.34 -28.05
N PRO C 4 -91.08 32.09 -28.30
CA PRO C 4 -91.23 33.48 -28.77
C PRO C 4 -91.99 33.60 -30.08
N SER C 5 -91.94 32.58 -30.93
CA SER C 5 -92.68 32.64 -32.20
C SER C 5 -94.17 32.75 -31.97
N MET C 6 -94.70 32.06 -30.96
CA MET C 6 -96.11 32.15 -30.66
C MET C 6 -96.51 33.57 -30.29
N GLU C 7 -95.73 34.22 -29.42
CA GLU C 7 -96.02 35.60 -29.03
C GLU C 7 -95.88 36.53 -30.23
N ASP C 8 -94.87 36.31 -31.07
CA ASP C 8 -94.69 37.16 -32.25
C ASP C 8 -95.89 37.06 -33.18
N TYR C 9 -96.37 35.84 -33.43
CA TYR C 9 -97.54 35.66 -34.29
C TYR C 9 -98.78 36.28 -33.67
N ILE C 10 -98.96 36.11 -32.35
CA ILE C 10 -100.13 36.68 -31.69
C ILE C 10 -100.11 38.19 -31.78
N GLU C 11 -98.94 38.81 -31.54
CA GLU C 11 -98.83 40.26 -31.64
C GLU C 11 -99.11 40.74 -33.05
N GLN C 12 -98.54 40.07 -34.05
CA GLN C 12 -98.77 40.48 -35.44
C GLN C 12 -100.24 40.35 -35.82
N ILE C 13 -100.88 39.26 -35.42
CA ILE C 13 -102.29 39.07 -35.74
C ILE C 13 -103.15 40.12 -35.06
N TYR C 14 -102.86 40.41 -33.79
CA TYR C 14 -103.64 41.41 -33.06
C TYR C 14 -103.49 42.79 -33.70
N MET C 15 -102.26 43.18 -34.04
CA MET C 15 -102.04 44.47 -34.67
C MET C 15 -102.72 44.54 -36.02
N LEU C 16 -102.62 43.47 -36.81
CA LEU C 16 -103.25 43.48 -38.14
C LEU C 16 -104.77 43.57 -38.03
N ILE C 17 -105.35 42.87 -37.05
CA ILE C 17 -106.80 42.95 -36.86
C ILE C 17 -107.21 44.34 -36.42
N GLU C 18 -106.45 44.95 -35.50
CA GLU C 18 -106.81 46.28 -35.04
C GLU C 18 -106.63 47.33 -36.13
N GLU C 19 -105.71 47.10 -37.07
CA GLU C 19 -105.47 48.08 -38.13
C GLU C 19 -106.45 47.91 -39.29
N LYS C 20 -106.61 46.68 -39.79
CA LYS C 20 -107.45 46.41 -40.95
C LYS C 20 -108.86 45.98 -40.60
N GLY C 21 -109.09 45.43 -39.42
CA GLY C 21 -110.37 44.84 -39.08
C GLY C 21 -110.48 43.37 -39.40
N TYR C 22 -109.49 42.79 -40.08
CA TYR C 22 -109.51 41.38 -40.44
C TYR C 22 -108.08 40.95 -40.81
N ALA C 23 -107.73 39.74 -40.38
CA ALA C 23 -106.41 39.19 -40.63
C ALA C 23 -106.48 38.18 -41.77
N ARG C 24 -105.53 38.27 -42.69
CA ARG C 24 -105.43 37.34 -43.82
C ARG C 24 -104.07 36.67 -43.81
N VAL C 25 -104.04 35.44 -44.35
CA VAL C 25 -102.82 34.63 -44.32
C VAL C 25 -101.70 35.29 -45.11
N SER C 26 -102.02 35.82 -46.30
CA SER C 26 -101.00 36.45 -47.13
C SER C 26 -100.39 37.66 -46.44
N ASP C 27 -101.22 38.48 -45.79
CA ASP C 27 -100.70 39.66 -45.09
C ASP C 27 -99.77 39.25 -43.95
N ILE C 28 -100.15 38.22 -43.19
CA ILE C 28 -99.30 37.76 -42.10
C ILE C 28 -97.98 37.24 -42.65
N ALA C 29 -98.03 36.46 -43.73
CA ALA C 29 -96.81 35.93 -44.33
C ALA C 29 -95.90 37.05 -44.81
N GLU C 30 -96.47 38.07 -45.44
CA GLU C 30 -95.67 39.20 -45.89
C GLU C 30 -95.08 39.96 -44.72
N ALA C 31 -95.86 40.15 -43.65
CA ALA C 31 -95.35 40.88 -42.49
C ALA C 31 -94.21 40.15 -41.82
N LEU C 32 -94.32 38.83 -41.67
CA LEU C 32 -93.28 38.04 -41.03
C LEU C 32 -92.25 37.50 -42.00
N ALA C 33 -92.40 37.77 -43.30
CA ALA C 33 -91.43 37.38 -44.32
C ALA C 33 -91.16 35.87 -44.28
N VAL C 34 -92.24 35.09 -44.20
CA VAL C 34 -92.16 33.63 -44.17
C VAL C 34 -93.13 33.07 -45.19
N HIS C 35 -92.89 31.81 -45.57
CA HIS C 35 -93.75 31.17 -46.55
C HIS C 35 -95.13 30.91 -45.96
N PRO C 36 -96.19 31.01 -46.77
CA PRO C 36 -97.55 30.80 -46.23
C PRO C 36 -97.76 29.42 -45.65
N SER C 37 -97.00 28.41 -46.07
CA SER C 37 -97.14 27.10 -45.46
C SER C 37 -96.78 27.12 -43.99
N SER C 38 -95.69 27.82 -43.63
CA SER C 38 -95.33 27.98 -42.24
C SER C 38 -96.41 28.75 -41.48
N VAL C 39 -97.02 29.74 -42.14
CA VAL C 39 -98.11 30.49 -41.52
C VAL C 39 -99.28 29.57 -41.21
N THR C 40 -99.63 28.69 -42.16
CA THR C 40 -100.72 27.74 -41.93
C THR C 40 -100.40 26.80 -40.78
N LYS C 41 -99.16 26.30 -40.74
CA LYS C 41 -98.75 25.43 -39.63
C LYS C 41 -98.86 26.15 -38.29
N MET C 42 -98.40 27.40 -38.23
CA MET C 42 -98.48 28.16 -36.99
C MET C 42 -99.92 28.43 -36.60
N VAL C 43 -100.78 28.72 -37.58
CA VAL C 43 -102.19 28.97 -37.29
C VAL C 43 -102.83 27.71 -36.72
N GLN C 44 -102.55 26.55 -37.31
CA GLN C 44 -103.09 25.31 -36.79
C GLN C 44 -102.59 25.03 -35.38
N LYS C 45 -101.30 25.27 -35.13
CA LYS C 45 -100.75 25.05 -33.80
C LYS C 45 -101.38 25.97 -32.76
N LEU C 46 -101.59 27.24 -33.13
CA LEU C 46 -102.25 28.18 -32.22
C LEU C 46 -103.70 27.79 -31.98
N ASP C 47 -104.38 27.28 -33.01
CA ASP C 47 -105.73 26.76 -32.83
C ASP C 47 -105.74 25.59 -31.85
N LYS C 48 -104.70 24.76 -31.91
CA LYS C 48 -104.56 23.69 -30.93
C LYS C 48 -104.41 24.23 -29.51
N ASP C 49 -103.88 25.45 -29.37
CA ASP C 49 -103.70 26.07 -28.07
C ASP C 49 -104.91 26.91 -27.65
N GLU C 50 -105.97 26.92 -28.45
CA GLU C 50 -107.22 27.61 -28.12
C GLU C 50 -107.01 29.11 -27.92
N TYR C 51 -106.08 29.71 -28.65
CA TYR C 51 -105.90 31.16 -28.61
C TYR C 51 -106.77 31.86 -29.64
N LEU C 52 -107.13 31.17 -30.73
CA LEU C 52 -107.96 31.76 -31.77
C LEU C 52 -108.76 30.66 -32.44
N ILE C 53 -109.84 31.06 -33.10
CA ILE C 53 -110.70 30.14 -33.84
C ILE C 53 -110.40 30.28 -35.32
N TYR C 54 -110.11 29.16 -35.97
CA TYR C 54 -109.73 29.12 -37.37
C TYR C 54 -110.76 28.35 -38.17
N GLU C 55 -111.13 28.88 -39.33
CA GLU C 55 -112.04 28.22 -40.26
C GLU C 55 -111.31 27.87 -41.55
N LYS C 56 -111.62 26.67 -42.05
CA LYS C 56 -110.74 25.96 -42.98
C LYS C 56 -110.35 26.81 -44.18
N TYR C 57 -111.27 27.62 -44.69
CA TYR C 57 -110.98 28.48 -45.83
C TYR C 57 -111.42 29.92 -45.59
N ARG C 58 -112.09 30.21 -44.47
CA ARG C 58 -112.59 31.55 -44.18
C ARG C 58 -111.51 32.42 -43.57
N GLY C 59 -111.03 32.08 -42.38
CA GLY C 59 -110.03 32.92 -41.73
C GLY C 59 -109.83 32.63 -40.27
N LEU C 60 -109.42 33.66 -39.54
CA LEU C 60 -109.11 33.55 -38.12
C LEU C 60 -109.83 34.63 -37.33
N VAL C 61 -110.22 34.28 -36.11
CA VAL C 61 -110.81 35.24 -35.18
C VAL C 61 -110.17 35.05 -33.81
N LEU C 62 -109.68 36.13 -33.22
CA LEU C 62 -108.99 36.06 -31.94
C LEU C 62 -109.99 35.90 -30.80
N THR C 63 -109.51 35.32 -29.70
CA THR C 63 -110.32 35.13 -28.50
C THR C 63 -110.01 36.22 -27.49
N SER C 64 -110.77 36.22 -26.39
CA SER C 64 -110.59 37.22 -25.34
C SER C 64 -109.20 37.12 -24.72
N LYS C 65 -108.76 35.89 -24.42
CA LYS C 65 -107.39 35.71 -23.92
C LYS C 65 -106.38 36.16 -24.97
N GLY C 66 -106.60 35.79 -26.23
CA GLY C 66 -105.74 36.26 -27.30
C GLY C 66 -105.75 37.78 -27.43
N LYS C 67 -106.93 38.38 -27.26
CA LYS C 67 -107.02 39.84 -27.32
C LYS C 67 -106.20 40.49 -26.21
N LYS C 68 -106.31 39.96 -24.99
CA LYS C 68 -105.54 40.52 -23.88
C LYS C 68 -104.05 40.35 -24.09
N ILE C 69 -103.62 39.17 -24.55
CA ILE C 69 -102.20 38.94 -24.80
C ILE C 69 -101.69 39.87 -25.88
N GLY C 70 -102.47 40.03 -26.96
CA GLY C 70 -102.06 40.93 -28.03
C GLY C 70 -101.99 42.38 -27.57
N LYS C 71 -102.95 42.81 -26.75
CA LYS C 71 -102.92 44.18 -26.23
C LYS C 71 -101.69 44.40 -25.37
N ARG C 72 -101.37 43.44 -24.49
CA ARG C 72 -100.18 43.58 -23.65
C ARG C 72 -98.91 43.61 -24.49
N LEU C 73 -98.83 42.76 -25.50
CA LEU C 73 -97.65 42.72 -26.35
C LEU C 73 -97.50 43.99 -27.16
N VAL C 74 -98.62 44.54 -27.65
CA VAL C 74 -98.57 45.80 -28.39
C VAL C 74 -98.14 46.94 -27.48
N TYR C 75 -98.63 46.94 -26.23
CA TYR C 75 -98.19 47.95 -25.28
C TYR C 75 -96.69 47.84 -25.03
N ARG C 76 -96.18 46.62 -24.85
CA ARG C 76 -94.75 46.44 -24.66
C ARG C 76 -93.97 46.92 -25.87
N HIS C 77 -94.44 46.58 -27.08
CA HIS C 77 -93.74 46.96 -28.29
C HIS C 77 -93.70 48.48 -28.44
N GLU C 78 -94.83 49.15 -28.20
CA GLU C 78 -94.87 50.60 -28.38
C GLU C 78 -94.04 51.31 -27.31
N LEU C 79 -94.04 50.79 -26.08
CA LEU C 79 -93.20 51.42 -25.05
C LEU C 79 -91.72 51.20 -25.36
N LEU C 80 -91.36 50.04 -25.90
CA LEU C 80 -89.98 49.82 -26.33
C LEU C 80 -89.59 50.78 -27.44
N GLU C 81 -90.49 50.98 -28.41
CA GLU C 81 -90.21 51.91 -29.50
C GLU C 81 -90.02 53.32 -28.96
N GLN C 82 -90.90 53.75 -28.05
CA GLN C 82 -90.78 55.09 -27.47
C GLN C 82 -89.49 55.24 -26.69
N PHE C 83 -89.12 54.22 -25.90
CA PHE C 83 -87.89 54.27 -25.14
C PHE C 83 -86.67 54.38 -26.05
N LEU C 84 -86.65 53.59 -27.13
CA LEU C 84 -85.53 53.64 -28.05
C LEU C 84 -85.47 54.97 -28.78
N ARG C 85 -86.62 55.56 -29.10
CA ARG C 85 -86.64 56.85 -29.77
C ARG C 85 -86.22 57.98 -28.82
N ILE C 86 -86.47 57.81 -27.52
CA ILE C 86 -86.14 58.85 -26.55
C ILE C 86 -84.65 59.13 -26.53
N ILE C 87 -83.83 58.07 -26.53
CA ILE C 87 -82.39 58.25 -26.42
C ILE C 87 -81.83 58.92 -27.67
N GLY C 88 -82.38 58.60 -28.84
CA GLY C 88 -81.92 59.22 -30.06
C GLY C 88 -81.35 58.25 -31.08
N VAL C 89 -81.82 57.00 -31.05
CA VAL C 89 -81.35 56.01 -32.00
C VAL C 89 -82.00 56.27 -33.36
N ASP C 90 -81.29 55.92 -34.43
CA ASP C 90 -81.82 56.09 -35.76
C ASP C 90 -83.06 55.25 -35.98
N GLU C 91 -84.07 55.84 -36.63
CA GLU C 91 -85.36 55.18 -36.79
C GLU C 91 -85.26 53.93 -37.65
N GLU C 92 -84.24 53.85 -38.51
CA GLU C 92 -84.11 52.69 -39.39
C GLU C 92 -83.90 51.40 -38.62
N LYS C 93 -83.06 51.42 -37.59
CA LYS C 93 -82.75 50.23 -36.81
C LYS C 93 -83.65 50.06 -35.60
N ILE C 94 -84.50 51.04 -35.30
CA ILE C 94 -85.32 50.97 -34.09
C ILE C 94 -86.29 49.79 -34.16
N TYR C 95 -86.99 49.64 -35.28
CA TYR C 95 -87.95 48.56 -35.41
C TYR C 95 -87.25 47.21 -35.36
N ASN C 96 -86.10 47.08 -36.04
CA ASN C 96 -85.37 45.83 -36.03
C ASN C 96 -84.92 45.45 -34.63
N ASP C 97 -84.36 46.41 -33.89
CA ASP C 97 -83.89 46.12 -32.53
C ASP C 97 -85.06 45.78 -31.62
N VAL C 98 -86.17 46.50 -31.74
CA VAL C 98 -87.33 46.21 -30.90
C VAL C 98 -87.87 44.82 -31.18
N GLU C 99 -87.98 44.47 -32.46
CA GLU C 99 -88.46 43.13 -32.81
C GLU C 99 -87.49 42.05 -32.36
N GLY C 100 -86.19 42.35 -32.35
CA GLY C 100 -85.22 41.36 -31.90
C GLY C 100 -85.20 41.16 -30.40
N ILE C 101 -85.49 42.21 -29.63
CA ILE C 101 -85.34 42.15 -28.18
C ILE C 101 -86.67 42.05 -27.45
N GLU C 102 -87.80 42.12 -28.16
CA GLU C 102 -89.10 42.11 -27.49
C GLU C 102 -89.45 40.74 -26.90
N HIS C 103 -88.70 39.70 -27.22
CA HIS C 103 -89.05 38.36 -26.78
C HIS C 103 -88.16 37.84 -25.65
N HIS C 104 -86.94 38.34 -25.54
CA HIS C 104 -85.99 37.86 -24.54
C HIS C 104 -85.99 38.70 -23.27
N LEU C 105 -86.84 39.71 -23.17
CA LEU C 105 -86.86 40.60 -22.02
C LEU C 105 -87.90 40.14 -21.01
N SER C 106 -87.59 40.31 -19.73
CA SER C 106 -88.51 40.00 -18.66
C SER C 106 -89.47 41.16 -18.42
N TRP C 107 -90.59 40.86 -17.76
CA TRP C 107 -91.59 41.89 -17.50
C TRP C 107 -91.09 42.93 -16.51
N ASN C 108 -90.24 42.52 -15.57
CA ASN C 108 -89.65 43.50 -14.64
C ASN C 108 -88.79 44.51 -15.38
N SER C 109 -88.02 44.04 -16.38
CA SER C 109 -87.26 44.96 -17.20
C SER C 109 -88.17 45.92 -17.97
N ILE C 110 -89.31 45.41 -18.43
CA ILE C 110 -90.28 46.27 -19.12
C ILE C 110 -90.81 47.34 -18.18
N ASP C 111 -91.11 46.96 -16.93
CA ASP C 111 -91.57 47.93 -15.94
C ASP C 111 -90.50 48.98 -15.68
N ARG C 112 -89.24 48.55 -15.56
CA ARG C 112 -88.16 49.50 -15.34
C ARG C 112 -88.00 50.46 -16.51
N ILE C 113 -88.12 49.94 -17.74
CA ILE C 113 -88.04 50.80 -18.92
C ILE C 113 -89.18 51.82 -18.93
N GLY C 114 -90.39 51.37 -18.59
CA GLY C 114 -91.50 52.30 -18.50
C GLY C 114 -91.30 53.36 -17.44
N ASP C 115 -90.74 52.97 -16.30
CA ASP C 115 -90.43 53.95 -15.25
C ASP C 115 -89.41 54.96 -15.73
N LEU C 116 -88.38 54.51 -16.44
CA LEU C 116 -87.39 55.42 -16.98
C LEU C 116 -88.00 56.38 -17.99
N VAL C 117 -88.89 55.87 -18.85
CA VAL C 117 -89.57 56.71 -19.82
C VAL C 117 -90.42 57.76 -19.12
N GLN C 118 -91.15 57.36 -18.08
CA GLN C 118 -91.94 58.31 -17.31
C GLN C 118 -91.06 59.36 -16.64
N TYR C 119 -89.91 58.94 -16.11
CA TYR C 119 -88.98 59.89 -15.48
C TYR C 119 -88.47 60.91 -16.49
N PHE C 120 -88.12 60.45 -17.69
CA PHE C 120 -87.57 61.37 -18.68
C PHE C 120 -88.64 62.15 -19.42
N GLU C 121 -89.91 61.76 -19.30
CA GLU C 121 -90.99 62.47 -19.97
C GLU C 121 -91.53 63.64 -19.17
N GLU C 122 -91.44 63.59 -17.84
CA GLU C 122 -91.98 64.67 -17.02
C GLU C 122 -91.10 65.91 -17.06
N ASP C 123 -89.84 65.78 -17.49
CA ASP C 123 -88.93 66.91 -17.57
C ASP C 123 -88.19 66.89 -18.90
N ASP C 124 -88.06 68.05 -19.52
CA ASP C 124 -87.32 68.19 -20.76
C ASP C 124 -85.87 68.60 -20.54
N ALA C 125 -85.56 69.20 -19.39
CA ALA C 125 -84.18 69.57 -19.10
C ALA C 125 -83.29 68.34 -19.01
N ARG C 126 -83.82 67.24 -18.47
CA ARG C 126 -83.06 65.99 -18.43
C ARG C 126 -82.74 65.49 -19.82
N LYS C 127 -83.71 65.55 -20.73
CA LYS C 127 -83.47 65.14 -22.12
C LYS C 127 -82.47 66.05 -22.80
N LYS C 128 -82.54 67.36 -22.54
CA LYS C 128 -81.57 68.29 -23.11
C LYS C 128 -80.16 68.00 -22.60
N ASP C 129 -80.03 67.72 -21.30
CA ASP C 129 -78.72 67.38 -20.75
C ASP C 129 -78.21 66.07 -21.33
N LEU C 130 -79.11 65.10 -21.53
CA LEU C 130 -78.72 63.84 -22.16
C LEU C 130 -78.21 64.08 -23.58
N LYS C 131 -78.91 64.93 -24.35
CA LYS C 131 -78.45 65.26 -25.69
C LYS C 131 -77.09 65.96 -25.66
N SER C 132 -76.91 66.88 -24.72
CA SER C 132 -75.64 67.60 -24.63
C SER C 132 -74.49 66.66 -24.30
N ILE C 133 -74.67 65.79 -23.31
CA ILE C 133 -73.60 64.86 -22.94
C ILE C 133 -73.37 63.85 -24.06
N GLN C 134 -74.43 63.46 -24.76
CA GLN C 134 -74.27 62.55 -25.90
C GLN C 134 -73.41 63.19 -26.99
N LYS C 135 -73.67 64.46 -27.31
CA LYS C 135 -72.84 65.13 -28.30
C LYS C 135 -71.40 65.29 -27.82
N LYS C 136 -71.23 65.68 -26.56
CA LYS C 136 -69.89 65.91 -26.02
C LYS C 136 -69.08 64.62 -25.96
N THR C 137 -69.74 63.47 -25.80
CA THR C 137 -69.05 62.19 -25.79
C THR C 137 -68.90 61.59 -27.18
N GLU C 138 -69.79 61.94 -28.11
CA GLU C 138 -69.71 61.47 -29.48
C GLU C 138 -68.84 62.38 -30.35
N HIS C 139 -68.28 63.43 -29.75
CA HIS C 139 -67.28 64.23 -30.47
C HIS C 139 -66.13 63.37 -30.99
N HIS C 140 -65.82 62.27 -30.31
CA HIS C 140 -64.78 61.37 -30.78
C HIS C 140 -65.15 60.71 -32.10
N ASN C 141 -66.44 60.47 -32.33
CA ASN C 141 -66.88 59.90 -33.60
C ASN C 141 -66.84 60.92 -34.73
N GLN C 142 -66.76 62.21 -34.42
CA GLN C 142 -66.73 63.25 -35.43
C GLN C 142 -65.36 63.32 -36.09
N THR D 3 -73.21 34.75 -37.52
CA THR D 3 -73.89 33.84 -36.62
C THR D 3 -73.57 34.18 -35.16
N PRO D 4 -74.61 34.40 -34.37
CA PRO D 4 -74.39 34.73 -32.94
C PRO D 4 -73.65 33.65 -32.17
N SER D 5 -73.78 32.39 -32.60
CA SER D 5 -73.08 31.30 -31.90
C SER D 5 -71.57 31.48 -31.97
N MET D 6 -71.07 31.95 -33.12
CA MET D 6 -69.63 32.17 -33.26
C MET D 6 -69.15 33.22 -32.26
N GLU D 7 -69.87 34.33 -32.15
CA GLU D 7 -69.49 35.37 -31.18
C GLU D 7 -69.60 34.86 -29.75
N ASP D 8 -70.64 34.07 -29.46
CA ASP D 8 -70.80 33.54 -28.12
C ASP D 8 -69.63 32.62 -27.75
N TYR D 9 -69.23 31.75 -28.67
CA TYR D 9 -68.10 30.86 -28.42
C TYR D 9 -66.81 31.65 -28.28
N ILE D 10 -66.61 32.67 -29.11
CA ILE D 10 -65.38 33.47 -29.02
C ILE D 10 -65.32 34.19 -27.68
N GLU D 11 -66.44 34.78 -27.25
CA GLU D 11 -66.48 35.46 -25.96
C GLU D 11 -66.20 34.50 -24.81
N GLN D 12 -66.83 33.31 -24.84
CA GLN D 12 -66.61 32.35 -23.77
C GLN D 12 -65.16 31.89 -23.73
N ILE D 13 -64.58 31.61 -24.89
CA ILE D 13 -63.19 31.17 -24.94
C ILE D 13 -62.26 32.27 -24.43
N TYR D 14 -62.49 33.50 -24.85
CA TYR D 14 -61.64 34.61 -24.41
C TYR D 14 -61.73 34.80 -22.90
N MET D 15 -62.94 34.78 -22.35
CA MET D 15 -63.09 34.94 -20.91
C MET D 15 -62.45 33.79 -20.15
N LEU D 16 -62.62 32.56 -20.64
CA LEU D 16 -62.03 31.41 -19.96
C LEU D 16 -60.51 31.46 -20.00
N ILE D 17 -59.94 31.89 -21.14
CA ILE D 17 -58.49 32.02 -21.23
C ILE D 17 -57.99 33.11 -20.28
N GLU D 18 -58.68 34.25 -20.24
CA GLU D 18 -58.24 35.32 -19.36
C GLU D 18 -58.37 34.96 -17.88
N GLU D 19 -59.33 34.09 -17.54
CA GLU D 19 -59.54 33.72 -16.15
C GLU D 19 -58.60 32.59 -15.72
N LYS D 20 -58.53 31.51 -16.51
CA LYS D 20 -57.73 30.34 -16.15
C LYS D 20 -56.33 30.34 -16.75
N GLY D 21 -56.12 31.05 -17.86
CA GLY D 21 -54.87 30.96 -18.58
C GLY D 21 -54.85 29.90 -19.66
N TYR D 22 -55.89 29.07 -19.75
CA TYR D 22 -55.97 28.02 -20.76
C TYR D 22 -57.41 27.56 -20.89
N ALA D 23 -57.83 27.30 -22.13
CA ALA D 23 -59.19 26.87 -22.41
C ALA D 23 -59.22 25.37 -22.68
N ARG D 24 -60.18 24.68 -22.07
CA ARG D 24 -60.35 23.25 -22.26
C ARG D 24 -61.75 22.97 -22.79
N VAL D 25 -61.86 21.86 -23.54
CA VAL D 25 -63.13 21.53 -24.20
C VAL D 25 -64.23 21.26 -23.17
N SER D 26 -63.91 20.52 -22.12
CA SER D 26 -64.91 20.19 -21.10
C SER D 26 -65.43 21.45 -20.42
N ASP D 27 -64.53 22.39 -20.10
CA ASP D 27 -64.97 23.62 -19.44
C ASP D 27 -65.89 24.43 -20.36
N ILE D 28 -65.56 24.52 -21.64
CA ILE D 28 -66.41 25.24 -22.59
C ILE D 28 -67.77 24.57 -22.68
N ALA D 29 -67.79 23.23 -22.78
CA ALA D 29 -69.06 22.52 -22.87
C ALA D 29 -69.91 22.74 -21.63
N GLU D 30 -69.29 22.71 -20.45
CA GLU D 30 -70.03 22.97 -19.22
C GLU D 30 -70.55 24.39 -19.17
N ALA D 31 -69.74 25.36 -19.61
CA ALA D 31 -70.16 26.75 -19.58
C ALA D 31 -71.34 26.99 -20.51
N LEU D 32 -71.31 26.43 -21.71
CA LEU D 32 -72.37 26.62 -22.68
C LEU D 32 -73.46 25.55 -22.60
N ALA D 33 -73.32 24.59 -21.68
CA ALA D 33 -74.33 23.56 -21.44
C ALA D 33 -74.70 22.81 -22.73
N VAL D 34 -73.66 22.43 -23.47
CA VAL D 34 -73.83 21.69 -24.72
C VAL D 34 -72.91 20.47 -24.70
N HIS D 35 -73.24 19.51 -25.56
CA HIS D 35 -72.45 18.29 -25.62
C HIS D 35 -71.07 18.58 -26.20
N PRO D 36 -70.03 17.88 -25.73
CA PRO D 36 -68.67 18.16 -26.24
C PRO D 36 -68.52 17.92 -27.73
N SER D 37 -69.35 17.08 -28.34
CA SER D 37 -69.28 16.89 -29.78
C SER D 37 -69.60 18.18 -30.51
N SER D 38 -70.64 18.90 -30.07
CA SER D 38 -70.95 20.19 -30.66
C SER D 38 -69.81 21.17 -30.45
N VAL D 39 -69.15 21.10 -29.29
CA VAL D 39 -68.01 21.98 -29.02
C VAL D 39 -66.89 21.69 -30.00
N THR D 40 -66.62 20.40 -30.27
CA THR D 40 -65.58 20.04 -31.22
C THR D 40 -65.93 20.54 -32.62
N LYS D 41 -67.20 20.39 -33.02
CA LYS D 41 -67.62 20.88 -34.32
C LYS D 41 -67.44 22.39 -34.43
N MET D 42 -67.83 23.13 -33.38
CA MET D 42 -67.67 24.58 -33.40
C MET D 42 -66.20 24.97 -33.43
N VAL D 43 -65.36 24.25 -32.69
CA VAL D 43 -63.92 24.55 -32.69
C VAL D 43 -63.35 24.34 -34.08
N GLN D 44 -63.71 23.25 -34.74
CA GLN D 44 -63.23 23.01 -36.10
C GLN D 44 -63.71 24.09 -37.06
N LYS D 45 -64.98 24.50 -36.93
CA LYS D 45 -65.51 25.54 -37.81
C LYS D 45 -64.80 26.87 -37.59
N LEU D 46 -64.52 27.21 -36.32
CA LEU D 46 -63.79 28.45 -36.04
C LEU D 46 -62.36 28.36 -36.55
N ASP D 47 -61.73 27.19 -36.46
CA ASP D 47 -60.42 27.00 -37.04
C ASP D 47 -60.45 27.22 -38.55
N LYS D 48 -61.54 26.78 -39.20
CA LYS D 48 -61.72 27.06 -40.62
C LYS D 48 -61.81 28.55 -40.89
N ASP D 49 -62.26 29.35 -39.92
CA ASP D 49 -62.36 30.79 -40.06
C ASP D 49 -61.11 31.52 -39.62
N GLU D 50 -60.06 30.79 -39.24
CA GLU D 50 -58.77 31.37 -38.86
C GLU D 50 -58.88 32.34 -37.70
N TYR D 51 -59.80 32.07 -36.76
CA TYR D 51 -59.88 32.87 -35.55
C TYR D 51 -58.99 32.33 -34.44
N LEU D 52 -58.70 31.03 -34.46
CA LEU D 52 -57.87 30.41 -33.45
C LEU D 52 -57.15 29.22 -34.06
N ILE D 53 -56.07 28.81 -33.41
CA ILE D 53 -55.28 27.66 -33.83
C ILE D 53 -55.61 26.49 -32.92
N TYR D 54 -55.98 25.36 -33.52
CA TYR D 54 -56.40 24.17 -32.81
C TYR D 54 -55.43 23.03 -33.07
N GLU D 55 -55.06 22.31 -32.02
CA GLU D 55 -54.21 21.13 -32.13
C GLU D 55 -54.99 19.89 -31.72
N LYS D 56 -54.78 18.81 -32.48
CA LYS D 56 -55.72 17.69 -32.56
C LYS D 56 -56.08 17.14 -31.19
N TYR D 57 -55.12 17.09 -30.27
CA TYR D 57 -55.38 16.59 -28.94
C TYR D 57 -54.86 17.53 -27.85
N ARG D 58 -54.15 18.59 -28.22
CA ARG D 58 -53.57 19.51 -27.25
C ARG D 58 -54.58 20.55 -26.79
N GLY D 59 -55.04 21.41 -27.69
CA GLY D 59 -55.96 22.44 -27.28
C GLY D 59 -56.15 23.55 -28.30
N LEU D 60 -56.49 24.74 -27.80
CA LEU D 60 -56.77 25.89 -28.63
C LEU D 60 -55.96 27.10 -28.15
N VAL D 61 -55.56 27.93 -29.10
CA VAL D 61 -54.90 29.20 -28.80
C VAL D 61 -55.52 30.29 -29.67
N LEU D 62 -55.94 31.38 -29.03
CA LEU D 62 -56.59 32.47 -29.74
C LEU D 62 -55.57 33.30 -30.52
N THR D 63 -56.05 33.96 -31.57
CA THR D 63 -55.24 34.83 -32.40
C THR D 63 -55.45 36.28 -32.00
N SER D 64 -54.66 37.17 -32.61
CA SER D 64 -54.76 38.60 -32.31
C SER D 64 -56.14 39.15 -32.67
N LYS D 65 -56.65 38.78 -33.84
CA LYS D 65 -58.00 39.17 -34.21
C LYS D 65 -59.02 38.57 -33.24
N GLY D 66 -58.84 37.30 -32.90
CA GLY D 66 -59.70 36.69 -31.90
C GLY D 66 -59.60 37.37 -30.55
N LYS D 67 -58.39 37.77 -30.17
CA LYS D 67 -58.22 38.48 -28.90
C LYS D 67 -58.96 39.81 -28.90
N LYS D 68 -58.86 40.57 -30.01
CA LYS D 68 -59.57 41.85 -30.09
C LYS D 68 -61.08 41.65 -30.06
N ILE D 69 -61.58 40.66 -30.80
CA ILE D 69 -63.02 40.40 -30.81
C ILE D 69 -63.50 39.99 -29.43
N GLY D 70 -62.75 39.13 -28.76
CA GLY D 70 -63.12 38.72 -27.42
C GLY D 70 -63.09 39.87 -26.43
N LYS D 71 -62.09 40.74 -26.53
CA LYS D 71 -62.02 41.90 -25.65
C LYS D 71 -63.22 42.82 -25.86
N ARG D 72 -63.58 43.07 -27.12
CA ARG D 72 -64.73 43.92 -27.41
C ARG D 72 -66.01 43.29 -26.89
N LEU D 73 -66.16 41.97 -27.08
CA LEU D 73 -67.38 41.30 -26.63
C LEU D 73 -67.46 41.29 -25.11
N VAL D 74 -66.33 41.10 -24.43
CA VAL D 74 -66.32 41.14 -22.97
C VAL D 74 -66.66 42.53 -22.46
N TYR D 75 -66.15 43.57 -23.13
CA TYR D 75 -66.50 44.94 -22.77
C TYR D 75 -67.99 45.17 -22.93
N ARG D 76 -68.57 44.70 -24.04
CA ARG D 76 -70.00 44.85 -24.25
C ARG D 76 -70.78 44.11 -23.17
N HIS D 77 -70.36 42.88 -22.84
CA HIS D 77 -71.07 42.09 -21.84
C HIS D 77 -71.02 42.76 -20.47
N GLU D 78 -69.85 43.26 -20.08
CA GLU D 78 -69.72 43.87 -18.76
C GLU D 78 -70.49 45.19 -18.69
N LEU D 79 -70.49 45.96 -19.77
CA LEU D 79 -71.26 47.20 -19.75
C LEU D 79 -72.76 46.92 -19.71
N LEU D 80 -73.20 45.86 -20.41
CA LEU D 80 -74.60 45.46 -20.31
C LEU D 80 -74.96 45.03 -18.90
N GLU D 81 -74.08 44.27 -18.25
CA GLU D 81 -74.33 43.85 -16.87
C GLU D 81 -74.42 45.06 -15.95
N GLN D 82 -73.50 46.01 -16.10
CA GLN D 82 -73.52 47.21 -15.27
C GLN D 82 -74.79 48.03 -15.51
N PHE D 83 -75.18 48.18 -16.77
CA PHE D 83 -76.40 48.92 -17.09
C PHE D 83 -77.63 48.26 -16.47
N LEU D 84 -77.73 46.93 -16.57
CA LEU D 84 -78.87 46.24 -16.01
C LEU D 84 -78.87 46.32 -14.48
N ARG D 85 -77.69 46.30 -13.86
CA ARG D 85 -77.61 46.41 -12.40
C ARG D 85 -77.93 47.82 -11.93
N ILE D 86 -77.66 48.83 -12.77
CA ILE D 86 -77.90 50.21 -12.38
C ILE D 86 -79.38 50.45 -12.10
N ILE D 87 -80.25 49.94 -12.98
CA ILE D 87 -81.68 50.20 -12.83
C ILE D 87 -82.23 49.53 -11.58
N GLY D 88 -81.74 48.34 -11.25
CA GLY D 88 -82.18 47.64 -10.06
C GLY D 88 -82.83 46.31 -10.33
N VAL D 89 -82.45 45.65 -11.42
CA VAL D 89 -82.99 44.34 -11.75
C VAL D 89 -82.36 43.29 -10.84
N ASP D 90 -83.11 42.23 -10.55
CA ASP D 90 -82.61 41.17 -9.70
C ASP D 90 -81.43 40.47 -10.36
N GLU D 91 -80.40 40.18 -9.55
CA GLU D 91 -79.16 39.62 -10.07
C GLU D 91 -79.35 38.25 -10.67
N GLU D 92 -80.40 37.52 -10.25
CA GLU D 92 -80.62 36.18 -10.76
C GLU D 92 -80.87 36.16 -12.27
N LYS D 93 -81.70 37.10 -12.76
CA LYS D 93 -82.05 37.15 -14.16
C LYS D 93 -81.14 38.04 -14.98
N ILE D 94 -80.22 38.77 -14.34
CA ILE D 94 -79.37 39.72 -15.07
C ILE D 94 -78.49 38.98 -16.07
N TYR D 95 -77.82 37.92 -15.63
CA TYR D 95 -76.93 37.18 -16.52
C TYR D 95 -77.71 36.55 -17.67
N ASN D 96 -78.87 35.98 -17.36
CA ASN D 96 -79.68 35.36 -18.41
C ASN D 96 -80.11 36.38 -19.45
N ASP D 97 -80.61 37.53 -19.00
CA ASP D 97 -81.05 38.55 -19.95
C ASP D 97 -79.88 39.09 -20.77
N VAL D 98 -78.73 39.31 -20.14
CA VAL D 98 -77.57 39.82 -20.86
C VAL D 98 -77.13 38.82 -21.91
N GLU D 99 -77.07 37.53 -21.55
CA GLU D 99 -76.68 36.51 -22.52
C GLU D 99 -77.69 36.38 -23.63
N GLY D 100 -78.98 36.62 -23.33
CA GLY D 100 -79.99 36.53 -24.38
C GLY D 100 -79.99 37.70 -25.33
N ILE D 101 -79.63 38.88 -24.85
CA ILE D 101 -79.74 40.09 -25.67
C ILE D 101 -78.39 40.58 -26.19
N GLU D 102 -77.28 39.96 -25.80
CA GLU D 102 -75.97 40.46 -26.22
C GLU D 102 -75.68 40.23 -27.69
N HIS D 103 -76.50 39.45 -28.39
CA HIS D 103 -76.22 39.10 -29.77
C HIS D 103 -77.12 39.83 -30.76
N HIS D 104 -78.31 40.25 -30.36
CA HIS D 104 -79.25 40.89 -31.26
C HIS D 104 -79.18 42.41 -31.22
N LEU D 105 -78.26 42.98 -30.44
CA LEU D 105 -78.16 44.43 -30.29
C LEU D 105 -77.13 44.99 -31.26
N SER D 106 -77.41 46.19 -31.77
CA SER D 106 -76.47 46.88 -32.64
C SER D 106 -75.44 47.65 -31.81
N TRP D 107 -74.32 48.00 -32.46
CA TRP D 107 -73.25 48.70 -31.77
C TRP D 107 -73.67 50.12 -31.38
N ASN D 108 -74.53 50.75 -32.20
CA ASN D 108 -75.02 52.07 -31.84
C ASN D 108 -75.84 52.01 -30.55
N SER D 109 -76.65 50.97 -30.39
CA SER D 109 -77.39 50.79 -29.14
C SER D 109 -76.44 50.60 -27.97
N ILE D 110 -75.35 49.88 -28.19
CA ILE D 110 -74.34 49.70 -27.14
C ILE D 110 -73.73 51.03 -26.76
N ASP D 111 -73.42 51.86 -27.75
CA ASP D 111 -72.88 53.20 -27.46
C ASP D 111 -73.87 54.03 -26.67
N ARG D 112 -75.16 53.97 -27.04
CA ARG D 112 -76.18 54.71 -26.31
C ARG D 112 -76.31 54.23 -24.87
N ILE D 113 -76.25 52.91 -24.67
CA ILE D 113 -76.31 52.36 -23.31
C ILE D 113 -75.11 52.83 -22.50
N GLY D 114 -73.92 52.83 -23.09
CA GLY D 114 -72.75 53.33 -22.40
C GLY D 114 -72.87 54.80 -22.05
N ASP D 115 -73.42 55.59 -22.96
CA ASP D 115 -73.64 57.01 -22.68
C ASP D 115 -74.61 57.19 -21.52
N LEU D 116 -75.69 56.39 -21.50
CA LEU D 116 -76.64 56.47 -20.39
C LEU D 116 -75.99 56.08 -19.06
N VAL D 117 -75.15 55.04 -19.09
CA VAL D 117 -74.45 54.63 -17.88
C VAL D 117 -73.51 55.72 -17.39
N GLN D 118 -72.79 56.36 -18.31
CA GLN D 118 -71.93 57.47 -17.94
C GLN D 118 -72.73 58.64 -17.36
N TYR D 119 -73.89 58.94 -17.96
CA TYR D 119 -74.74 60.01 -17.46
C TYR D 119 -75.22 59.72 -16.04
N PHE D 120 -75.62 58.47 -15.78
CA PHE D 120 -76.14 58.14 -14.46
C PHE D 120 -75.04 57.87 -13.44
N GLU D 121 -73.80 57.71 -13.89
CA GLU D 121 -72.70 57.45 -12.97
C GLU D 121 -72.07 58.71 -12.42
N GLU D 122 -72.12 59.83 -13.16
CA GLU D 122 -71.51 61.07 -12.69
C GLU D 122 -72.31 61.72 -11.59
N ASP D 123 -73.58 61.36 -11.42
CA ASP D 123 -74.42 61.93 -10.39
C ASP D 123 -75.20 60.82 -9.69
N ASP D 124 -75.26 60.92 -8.36
CA ASP D 124 -76.04 59.97 -7.57
C ASP D 124 -77.45 60.45 -7.27
N ALA D 125 -77.69 61.77 -7.35
CA ALA D 125 -79.04 62.27 -7.14
C ALA D 125 -80.00 61.74 -8.21
N ARG D 126 -79.53 61.60 -9.45
CA ARG D 126 -80.37 61.02 -10.49
C ARG D 126 -80.74 59.59 -10.17
N LYS D 127 -79.79 58.80 -9.68
CA LYS D 127 -80.09 57.43 -9.29
C LYS D 127 -81.06 57.37 -8.12
N LYS D 128 -80.89 58.28 -7.15
CA LYS D 128 -81.82 58.33 -6.02
C LYS D 128 -83.23 58.69 -6.47
N ASP D 129 -83.35 59.65 -7.40
CA ASP D 129 -84.66 60.01 -7.93
C ASP D 129 -85.27 58.85 -8.72
N LEU D 130 -84.43 58.12 -9.47
CA LEU D 130 -84.91 56.95 -10.18
C LEU D 130 -85.43 55.90 -9.22
N LYS D 131 -84.71 55.66 -8.12
CA LYS D 131 -85.18 54.70 -7.12
C LYS D 131 -86.49 55.17 -6.49
N SER D 132 -86.60 56.46 -6.19
CA SER D 132 -87.82 56.98 -5.58
C SER D 132 -89.02 56.83 -6.51
N ILE D 133 -88.86 57.21 -7.78
CA ILE D 133 -89.97 57.08 -8.72
C ILE D 133 -90.29 55.61 -8.97
N GLN D 134 -89.27 54.75 -8.98
CA GLN D 134 -89.51 53.33 -9.14
C GLN D 134 -90.35 52.79 -8.00
N LYS D 135 -90.03 53.16 -6.75
CA LYS D 135 -90.84 52.72 -5.62
C LYS D 135 -92.26 53.28 -5.70
N LYS D 136 -92.38 54.58 -6.02
CA LYS D 136 -93.70 55.21 -6.07
C LYS D 136 -94.57 54.63 -7.17
N THR D 137 -93.98 54.13 -8.24
CA THR D 137 -94.74 53.50 -9.31
C THR D 137 -94.96 52.01 -9.09
N GLU D 138 -94.07 51.35 -8.33
CA GLU D 138 -94.22 49.95 -7.99
C GLU D 138 -95.05 49.74 -6.74
N HIS D 139 -95.54 50.83 -6.13
CA HIS D 139 -96.50 50.69 -5.04
C HIS D 139 -97.71 49.86 -5.45
N HIS D 140 -98.06 49.88 -6.74
CA HIS D 140 -99.18 49.06 -7.21
C HIS D 140 -98.88 47.56 -7.09
N ASN D 141 -97.61 47.18 -7.22
CA ASN D 141 -97.23 45.78 -7.05
C ASN D 141 -97.23 45.35 -5.59
N GLN D 142 -97.24 46.30 -4.66
CA GLN D 142 -97.23 45.99 -3.24
C GLN D 142 -98.60 45.53 -2.77
N THR E 3 -32.31 20.08 -6.23
CA THR E 3 -32.30 18.97 -7.19
C THR E 3 -32.34 19.49 -8.62
N PRO E 4 -31.37 19.07 -9.43
CA PRO E 4 -31.33 19.52 -10.84
C PRO E 4 -32.57 19.13 -11.63
N SER E 5 -33.24 18.05 -11.26
CA SER E 5 -34.44 17.64 -11.99
C SER E 5 -35.53 18.70 -11.88
N MET E 6 -35.66 19.33 -10.70
CA MET E 6 -36.66 20.38 -10.55
C MET E 6 -36.40 21.54 -11.50
N GLU E 7 -35.15 21.99 -11.58
CA GLU E 7 -34.80 23.08 -12.49
C GLU E 7 -35.02 22.66 -13.95
N ASP E 8 -34.66 21.42 -14.28
CA ASP E 8 -34.86 20.94 -15.65
C ASP E 8 -36.33 20.96 -16.03
N TYR E 9 -37.19 20.46 -15.14
CA TYR E 9 -38.62 20.46 -15.41
C TYR E 9 -39.16 21.88 -15.51
N ILE E 10 -38.71 22.78 -14.63
CA ILE E 10 -39.19 24.16 -14.67
C ILE E 10 -38.80 24.81 -15.98
N GLU E 11 -37.54 24.61 -16.41
CA GLU E 11 -37.09 25.19 -17.67
C GLU E 11 -37.88 24.63 -18.85
N GLN E 12 -38.09 23.32 -18.88
CA GLN E 12 -38.85 22.73 -19.98
C GLN E 12 -40.28 23.25 -20.01
N ILE E 13 -40.93 23.34 -18.84
CA ILE E 13 -42.30 23.84 -18.79
C ILE E 13 -42.36 25.29 -19.25
N TYR E 14 -41.42 26.11 -18.79
CA TYR E 14 -41.43 27.53 -19.18
C TYR E 14 -41.22 27.68 -20.68
N MET E 15 -40.27 26.94 -21.25
CA MET E 15 -40.03 27.03 -22.68
C MET E 15 -41.23 26.54 -23.48
N LEU E 16 -41.85 25.45 -23.04
CA LEU E 16 -43.01 24.92 -23.74
C LEU E 16 -44.18 25.89 -23.68
N ILE E 17 -44.39 26.53 -22.53
CA ILE E 17 -45.46 27.51 -22.41
C ILE E 17 -45.18 28.72 -23.30
N GLU E 18 -43.94 29.20 -23.32
CA GLU E 18 -43.63 30.35 -24.15
C GLU E 18 -43.73 30.03 -25.64
N GLU E 19 -43.49 28.78 -26.02
CA GLU E 19 -43.55 28.42 -27.43
C GLU E 19 -44.97 28.10 -27.89
N LYS E 20 -45.69 27.27 -27.14
CA LYS E 20 -47.03 26.84 -27.52
C LYS E 20 -48.14 27.67 -26.91
N GLY E 21 -47.90 28.31 -25.77
CA GLY E 21 -48.95 28.97 -25.04
C GLY E 21 -49.62 28.11 -23.99
N TYR E 22 -49.31 26.82 -23.94
CA TYR E 22 -49.90 25.90 -22.98
C TYR E 22 -49.02 24.64 -22.89
N ALA E 23 -48.86 24.14 -21.68
CA ALA E 23 -48.05 22.96 -21.42
C ALA E 23 -48.95 21.74 -21.21
N ARG E 24 -48.60 20.64 -21.86
CA ARG E 24 -49.34 19.39 -21.73
C ARG E 24 -48.41 18.29 -21.23
N VAL E 25 -48.99 17.31 -20.53
CA VAL E 25 -48.20 16.27 -19.90
C VAL E 25 -47.48 15.42 -20.95
N SER E 26 -48.18 15.06 -22.03
CA SER E 26 -47.57 14.24 -23.06
C SER E 26 -46.39 14.94 -23.72
N ASP E 27 -46.51 16.24 -23.99
CA ASP E 27 -45.42 16.98 -24.60
C ASP E 27 -44.20 17.03 -23.67
N ILE E 28 -44.43 17.25 -22.37
CA ILE E 28 -43.33 17.26 -21.42
C ILE E 28 -42.66 15.90 -21.36
N ALA E 29 -43.46 14.83 -21.32
CA ALA E 29 -42.89 13.49 -21.27
C ALA E 29 -42.07 13.19 -22.52
N GLU E 30 -42.56 13.59 -23.70
CA GLU E 30 -41.80 13.39 -24.92
C GLU E 30 -40.52 14.21 -24.93
N ALA E 31 -40.58 15.44 -24.44
CA ALA E 31 -39.39 16.30 -24.43
C ALA E 31 -38.32 15.73 -23.50
N LEU E 32 -38.71 15.26 -22.32
CA LEU E 32 -37.76 14.72 -21.36
C LEU E 32 -37.55 13.22 -21.51
N ALA E 33 -38.23 12.58 -22.45
CA ALA E 33 -38.06 11.15 -22.74
C ALA E 33 -38.23 10.29 -21.49
N VAL E 34 -39.30 10.58 -20.74
CA VAL E 34 -39.63 9.85 -19.53
C VAL E 34 -41.10 9.44 -19.57
N HIS E 35 -41.43 8.45 -18.77
CA HIS E 35 -42.80 7.96 -18.73
C HIS E 35 -43.73 9.02 -18.13
N PRO E 36 -44.97 9.11 -18.60
CA PRO E 36 -45.88 10.14 -18.06
C PRO E 36 -46.17 9.98 -16.58
N SER E 37 -46.03 8.78 -16.02
CA SER E 37 -46.21 8.62 -14.58
C SER E 37 -45.18 9.43 -13.81
N SER E 38 -43.92 9.38 -14.24
CA SER E 38 -42.88 10.19 -13.60
C SER E 38 -43.19 11.67 -13.76
N VAL E 39 -43.74 12.05 -14.92
CA VAL E 39 -44.11 13.45 -15.13
C VAL E 39 -45.20 13.88 -14.14
N THR E 40 -46.18 13.01 -13.93
CA THR E 40 -47.24 13.32 -12.97
C THR E 40 -46.68 13.45 -11.56
N LYS E 41 -45.77 12.54 -11.19
CA LYS E 41 -45.14 12.62 -9.87
C LYS E 41 -44.37 13.93 -9.71
N MET E 42 -43.61 14.31 -10.73
CA MET E 42 -42.85 15.55 -10.66
C MET E 42 -43.76 16.76 -10.60
N VAL E 43 -44.87 16.73 -11.34
CA VAL E 43 -45.83 17.84 -11.31
C VAL E 43 -46.42 17.98 -9.92
N GLN E 44 -46.81 16.86 -9.30
CA GLN E 44 -47.35 16.91 -7.95
C GLN E 44 -46.32 17.43 -6.96
N LYS E 45 -45.07 16.99 -7.10
CA LYS E 45 -44.02 17.46 -6.19
C LYS E 45 -43.77 18.96 -6.35
N LEU E 46 -43.77 19.45 -7.58
CA LEU E 46 -43.59 20.87 -7.81
C LEU E 46 -44.78 21.67 -7.29
N ASP E 47 -45.99 21.11 -7.42
CA ASP E 47 -47.16 21.76 -6.82
C ASP E 47 -47.02 21.84 -5.30
N LYS E 48 -46.43 20.81 -4.69
CA LYS E 48 -46.13 20.86 -3.27
C LYS E 48 -45.15 21.99 -2.93
N ASP E 49 -44.31 22.37 -3.89
CA ASP E 49 -43.34 23.44 -3.69
C ASP E 49 -43.88 24.82 -4.09
N GLU E 50 -45.16 24.89 -4.48
CA GLU E 50 -45.84 26.14 -4.81
C GLU E 50 -45.14 26.89 -5.95
N TYR E 51 -44.56 26.16 -6.90
CA TYR E 51 -43.99 26.79 -8.08
C TYR E 51 -45.01 26.94 -9.20
N LEU E 52 -46.03 26.09 -9.22
CA LEU E 52 -47.07 26.14 -10.24
C LEU E 52 -48.37 25.61 -9.67
N ILE E 53 -49.47 25.98 -10.31
CA ILE E 53 -50.80 25.52 -9.92
C ILE E 53 -51.24 24.43 -10.88
N TYR E 54 -51.63 23.29 -10.33
CA TYR E 54 -52.02 22.11 -11.10
C TYR E 54 -53.49 21.79 -10.85
N GLU E 55 -54.22 21.49 -11.94
CA GLU E 55 -55.60 21.08 -11.86
C GLU E 55 -55.74 19.62 -12.33
N LYS E 56 -56.57 18.88 -11.60
CA LYS E 56 -56.51 17.42 -11.57
C LYS E 56 -56.54 16.81 -12.96
N TYR E 57 -57.32 17.39 -13.87
CA TYR E 57 -57.40 16.89 -15.23
C TYR E 57 -57.24 17.99 -16.27
N ARG E 58 -57.15 19.24 -15.85
CA ARG E 58 -57.05 20.37 -16.77
C ARG E 58 -55.61 20.60 -17.21
N GLY E 59 -54.73 20.96 -16.28
CA GLY E 59 -53.35 21.23 -16.67
C GLY E 59 -52.55 21.95 -15.62
N LEU E 60 -51.56 22.71 -16.08
CA LEU E 60 -50.63 23.42 -15.21
C LEU E 60 -50.54 24.88 -15.64
N VAL E 61 -50.35 25.75 -14.65
CA VAL E 61 -50.11 27.17 -14.89
C VAL E 61 -48.96 27.62 -13.99
N LEU E 62 -47.96 28.26 -14.59
CA LEU E 62 -46.79 28.69 -13.85
C LEU E 62 -47.08 29.95 -13.03
N THR E 63 -46.32 30.12 -11.96
CA THR E 63 -46.44 31.29 -11.09
C THR E 63 -45.39 32.33 -11.44
N SER E 64 -45.48 33.48 -10.77
CA SER E 64 -44.52 34.56 -11.04
C SER E 64 -43.11 34.14 -10.67
N LYS E 65 -42.93 33.50 -9.52
CA LYS E 65 -41.63 32.97 -9.16
C LYS E 65 -41.17 31.92 -10.16
N GLY E 66 -42.09 31.03 -10.55
CA GLY E 66 -41.76 30.06 -11.59
C GLY E 66 -41.41 30.71 -12.91
N LYS E 67 -42.13 31.79 -13.26
CA LYS E 67 -41.82 32.50 -14.49
C LYS E 67 -40.42 33.10 -14.45
N LYS E 68 -40.05 33.71 -13.32
CA LYS E 68 -38.71 34.29 -13.21
C LYS E 68 -37.63 33.22 -13.26
N ILE E 69 -37.85 32.10 -12.57
CA ILE E 69 -36.86 31.02 -12.57
C ILE E 69 -36.71 30.46 -13.99
N GLY E 70 -37.84 30.26 -14.69
CA GLY E 70 -37.78 29.77 -16.04
C GLY E 70 -37.09 30.72 -16.99
N LYS E 71 -37.35 32.03 -16.84
CA LYS E 71 -36.68 33.01 -17.68
C LYS E 71 -35.18 33.00 -17.45
N ARG E 72 -34.76 32.94 -16.18
CA ARG E 72 -33.33 32.90 -15.88
C ARG E 72 -32.69 31.63 -16.44
N LEU E 73 -33.36 30.49 -16.30
CA LEU E 73 -32.81 29.24 -16.81
C LEU E 73 -32.74 29.24 -18.33
N VAL E 74 -33.74 29.81 -18.99
CA VAL E 74 -33.72 29.89 -20.45
C VAL E 74 -32.59 30.82 -20.90
N TYR E 75 -32.38 31.92 -20.19
CA TYR E 75 -31.26 32.80 -20.50
C TYR E 75 -29.92 32.08 -20.36
N ARG E 76 -29.78 31.31 -19.28
CA ARG E 76 -28.55 30.54 -19.09
C ARG E 76 -28.37 29.52 -20.20
N HIS E 77 -29.44 28.82 -20.56
CA HIS E 77 -29.36 27.80 -21.61
C HIS E 77 -28.97 28.41 -22.95
N GLU E 78 -29.60 29.53 -23.30
CA GLU E 78 -29.30 30.15 -24.60
C GLU E 78 -27.89 30.73 -24.63
N LEU E 79 -27.44 31.30 -23.52
CA LEU E 79 -26.06 31.82 -23.51
C LEU E 79 -25.06 30.68 -23.57
N LEU E 80 -25.36 29.55 -22.93
CA LEU E 80 -24.49 28.38 -23.06
C LEU E 80 -24.45 27.88 -24.50
N GLU E 81 -25.60 27.83 -25.16
CA GLU E 81 -25.65 27.41 -26.55
C GLU E 81 -24.82 28.34 -27.43
N GLN E 82 -24.98 29.65 -27.23
CA GLN E 82 -24.22 30.61 -28.02
C GLN E 82 -22.73 30.48 -27.77
N PHE E 83 -22.33 30.30 -26.51
CA PHE E 83 -20.92 30.15 -26.18
C PHE E 83 -20.34 28.90 -26.84
N LEU E 84 -21.07 27.79 -26.79
CA LEU E 84 -20.58 26.56 -27.40
C LEU E 84 -20.52 26.69 -28.93
N ARG E 85 -21.46 27.41 -29.53
CA ARG E 85 -21.44 27.60 -30.97
C ARG E 85 -20.32 28.54 -31.40
N ILE E 86 -19.94 29.47 -30.51
CA ILE E 86 -18.89 30.44 -30.87
C ILE E 86 -17.57 29.74 -31.15
N ILE E 87 -17.19 28.77 -30.30
CA ILE E 87 -15.90 28.11 -30.46
C ILE E 87 -15.86 27.28 -31.75
N GLY E 88 -16.98 26.67 -32.11
CA GLY E 88 -17.04 25.89 -33.34
C GLY E 88 -17.34 24.42 -33.13
N VAL E 89 -18.06 24.10 -32.05
CA VAL E 89 -18.43 22.71 -31.78
C VAL E 89 -19.56 22.30 -32.72
N ASP E 90 -19.60 21.01 -33.07
CA ASP E 90 -20.64 20.50 -33.95
C ASP E 90 -22.01 20.65 -33.30
N GLU E 91 -22.98 21.08 -34.10
CA GLU E 91 -24.32 21.38 -33.58
C GLU E 91 -25.02 20.15 -33.03
N GLU E 92 -24.62 18.95 -33.49
CA GLU E 92 -25.28 17.73 -33.03
C GLU E 92 -25.09 17.50 -31.54
N LYS E 93 -23.87 17.72 -31.03
CA LYS E 93 -23.58 17.50 -29.63
C LYS E 93 -23.77 18.73 -28.76
N ILE E 94 -24.05 19.89 -29.36
CA ILE E 94 -24.15 21.13 -28.59
C ILE E 94 -25.30 21.04 -27.60
N TYR E 95 -26.48 20.63 -28.07
CA TYR E 95 -27.64 20.55 -27.19
C TYR E 95 -27.43 19.53 -26.08
N ASN E 96 -26.85 18.38 -26.42
CA ASN E 96 -26.59 17.35 -25.42
C ASN E 96 -25.63 17.86 -24.34
N ASP E 97 -24.54 18.49 -24.75
CA ASP E 97 -23.57 19.00 -23.78
C ASP E 97 -24.18 20.10 -22.92
N VAL E 98 -24.96 21.00 -23.53
CA VAL E 98 -25.57 22.08 -22.76
C VAL E 98 -26.55 21.52 -21.74
N GLU E 99 -27.37 20.55 -22.16
CA GLU E 99 -28.31 19.94 -21.23
C GLU E 99 -27.60 19.17 -20.12
N GLY E 100 -26.44 18.59 -20.43
CA GLY E 100 -25.70 17.86 -19.42
C GLY E 100 -25.01 18.75 -18.41
N ILE E 101 -24.56 19.93 -18.84
CA ILE E 101 -23.74 20.79 -17.98
C ILE E 101 -24.51 21.98 -17.42
N GLU E 102 -25.77 22.18 -17.82
CA GLU E 102 -26.50 23.36 -17.37
C GLU E 102 -26.90 23.29 -15.90
N HIS E 103 -26.72 22.15 -15.24
CA HIS E 103 -27.17 21.99 -13.88
C HIS E 103 -26.03 21.98 -12.86
N HIS E 104 -24.83 21.61 -13.28
CA HIS E 104 -23.70 21.51 -12.37
C HIS E 104 -22.83 22.76 -12.34
N LEU E 105 -23.20 23.79 -13.09
CA LEU E 105 -22.39 25.01 -13.18
C LEU E 105 -22.89 26.05 -12.18
N SER E 106 -21.94 26.80 -11.63
CA SER E 106 -22.27 27.89 -10.72
C SER E 106 -22.61 29.16 -11.50
N TRP E 107 -23.30 30.08 -10.82
CA TRP E 107 -23.70 31.32 -11.48
C TRP E 107 -22.51 32.21 -11.81
N ASN E 108 -21.46 32.16 -10.99
CA ASN E 108 -20.24 32.91 -11.31
C ASN E 108 -19.62 32.42 -12.61
N SER E 109 -19.60 31.10 -12.81
CA SER E 109 -19.12 30.56 -14.08
C SER E 109 -19.98 31.03 -15.24
N ILE E 110 -21.29 31.12 -15.03
CA ILE E 110 -22.18 31.63 -16.08
C ILE E 110 -21.85 33.08 -16.41
N ASP E 111 -21.59 33.89 -15.38
CA ASP E 111 -21.21 35.28 -15.60
C ASP E 111 -19.91 35.36 -16.38
N ARG E 112 -18.93 34.52 -16.03
CA ARG E 112 -17.66 34.52 -16.74
C ARG E 112 -17.83 34.11 -18.20
N ILE E 113 -18.69 33.11 -18.46
CA ILE E 113 -18.96 32.70 -19.83
C ILE E 113 -19.62 33.82 -20.61
N GLY E 114 -20.57 34.52 -19.99
CA GLY E 114 -21.19 35.66 -20.65
C GLY E 114 -20.20 36.76 -20.96
N ASP E 115 -19.28 37.02 -20.02
CA ASP E 115 -18.24 38.02 -20.25
C ASP E 115 -17.34 37.61 -21.41
N LEU E 116 -16.98 36.34 -21.49
CA LEU E 116 -16.17 35.86 -22.60
C LEU E 116 -16.90 36.00 -23.93
N VAL E 117 -18.19 35.67 -23.94
CA VAL E 117 -19.00 35.82 -25.14
C VAL E 117 -19.06 37.29 -25.58
N GLN E 118 -19.26 38.20 -24.62
CA GLN E 118 -19.26 39.62 -24.94
C GLN E 118 -17.91 40.07 -25.49
N TYR E 119 -16.82 39.58 -24.90
CA TYR E 119 -15.48 39.93 -25.37
C TYR E 119 -15.27 39.46 -26.81
N PHE E 120 -15.70 38.24 -27.12
CA PHE E 120 -15.48 37.71 -28.46
C PHE E 120 -16.51 38.20 -29.47
N GLU E 121 -17.59 38.82 -29.01
CA GLU E 121 -18.62 39.32 -29.93
C GLU E 121 -18.33 40.73 -30.42
N GLU E 122 -17.63 41.55 -29.63
CA GLU E 122 -17.35 42.92 -30.05
C GLU E 122 -16.30 43.00 -31.15
N ASP E 123 -15.52 41.94 -31.33
CA ASP E 123 -14.48 41.92 -32.36
C ASP E 123 -14.54 40.60 -33.11
N ASP E 124 -14.41 40.68 -34.43
CA ASP E 124 -14.38 39.49 -35.28
C ASP E 124 -12.96 39.03 -35.58
N ALA E 125 -11.96 39.91 -35.45
CA ALA E 125 -10.58 39.50 -35.65
C ALA E 125 -10.15 38.46 -34.63
N ARG E 126 -10.63 38.59 -33.39
CA ARG E 126 -10.33 37.58 -32.37
C ARG E 126 -10.90 36.23 -32.76
N LYS E 127 -12.14 36.20 -33.28
CA LYS E 127 -12.73 34.94 -33.71
C LYS E 127 -11.98 34.35 -34.90
N LYS E 128 -11.55 35.21 -35.84
CA LYS E 128 -10.77 34.73 -36.97
C LYS E 128 -9.44 34.14 -36.52
N ASP E 129 -8.77 34.79 -35.57
CA ASP E 129 -7.52 34.25 -35.04
C ASP E 129 -7.75 32.94 -34.31
N LEU E 130 -8.86 32.84 -33.57
CA LEU E 130 -9.21 31.59 -32.91
C LEU E 130 -9.42 30.47 -33.92
N LYS E 131 -10.12 30.77 -35.02
CA LYS E 131 -10.33 29.77 -36.06
C LYS E 131 -9.00 29.36 -36.70
N SER E 132 -8.12 30.34 -36.94
CA SER E 132 -6.83 30.02 -37.56
C SER E 132 -5.98 29.14 -36.65
N ILE E 133 -5.89 29.49 -35.36
CA ILE E 133 -5.10 28.67 -34.44
C ILE E 133 -5.73 27.31 -34.24
N GLN E 134 -7.07 27.24 -34.26
CA GLN E 134 -7.76 25.96 -34.16
C GLN E 134 -7.40 25.06 -35.33
N LYS E 135 -7.41 25.60 -36.55
CA LYS E 135 -7.03 24.80 -37.71
C LYS E 135 -5.56 24.39 -37.64
N LYS E 136 -4.68 25.32 -37.27
CA LYS E 136 -3.26 25.02 -37.22
C LYS E 136 -2.92 23.98 -36.16
N THR E 137 -3.72 23.92 -35.08
CA THR E 137 -3.50 22.90 -34.06
C THR E 137 -4.24 21.61 -34.33
N GLU E 138 -5.32 21.65 -35.11
CA GLU E 138 -6.06 20.46 -35.49
C GLU E 138 -5.51 19.83 -36.76
N HIS E 139 -4.46 20.42 -37.35
CA HIS E 139 -3.77 19.78 -38.46
C HIS E 139 -3.32 18.36 -38.10
N HIS E 140 -3.04 18.10 -36.81
CA HIS E 140 -2.66 16.76 -36.39
C HIS E 140 -3.81 15.77 -36.55
N ASN E 141 -5.05 16.23 -36.42
CA ASN E 141 -6.21 15.35 -36.64
C ASN E 141 -6.45 15.07 -38.12
N GLN E 142 -5.85 15.86 -39.01
CA GLN E 142 -6.04 15.68 -40.44
C GLN E 142 -5.22 14.49 -40.94
N THR F 3 -20.29 4.67 -17.55
CA THR F 3 -20.68 5.25 -16.27
C THR F 3 -19.63 6.23 -15.76
N PRO F 4 -20.06 7.46 -15.47
CA PRO F 4 -19.11 8.47 -14.98
C PRO F 4 -18.43 8.07 -13.68
N SER F 5 -19.07 7.25 -12.85
CA SER F 5 -18.44 6.84 -11.59
C SER F 5 -17.17 6.04 -11.84
N MET F 6 -17.17 5.20 -12.88
CA MET F 6 -15.97 4.43 -13.21
C MET F 6 -14.80 5.36 -13.55
N GLU F 7 -15.05 6.36 -14.40
CA GLU F 7 -14.00 7.31 -14.74
C GLU F 7 -13.55 8.11 -13.52
N ASP F 8 -14.50 8.52 -12.67
CA ASP F 8 -14.13 9.26 -11.47
C ASP F 8 -13.23 8.44 -10.56
N TYR F 9 -13.58 7.17 -10.35
CA TYR F 9 -12.74 6.30 -9.53
C TYR F 9 -11.37 6.08 -10.16
N ILE F 10 -11.33 5.88 -11.47
CA ILE F 10 -10.05 5.66 -12.15
C ILE F 10 -9.17 6.89 -12.01
N GLU F 11 -9.74 8.08 -12.21
CA GLU F 11 -8.97 9.32 -12.07
C GLU F 11 -8.46 9.49 -10.65
N GLN F 12 -9.31 9.25 -9.66
CA GLN F 12 -8.88 9.41 -8.27
C GLN F 12 -7.78 8.42 -7.92
N ILE F 13 -7.91 7.16 -8.36
CA ILE F 13 -6.89 6.16 -8.07
C ILE F 13 -5.57 6.53 -8.74
N TYR F 14 -5.63 6.96 -10.00
CA TYR F 14 -4.41 7.32 -10.71
C TYR F 14 -3.72 8.51 -10.04
N MET F 15 -4.48 9.54 -9.67
CA MET F 15 -3.88 10.70 -9.01
C MET F 15 -3.29 10.31 -7.66
N LEU F 16 -4.01 9.48 -6.89
CA LEU F 16 -3.49 9.07 -5.59
C LEU F 16 -2.23 8.24 -5.72
N ILE F 17 -2.16 7.36 -6.72
CA ILE F 17 -0.96 6.56 -6.94
C ILE F 17 0.20 7.46 -7.35
N GLU F 18 -0.05 8.42 -8.24
CA GLU F 18 1.02 9.30 -8.68
C GLU F 18 1.51 10.21 -7.55
N GLU F 19 0.64 10.55 -6.61
CA GLU F 19 1.03 11.44 -5.52
C GLU F 19 1.71 10.68 -4.38
N LYS F 20 1.11 9.59 -3.92
CA LYS F 20 1.62 8.84 -2.78
C LYS F 20 2.50 7.67 -3.17
N GLY F 21 2.36 7.13 -4.37
CA GLY F 21 3.03 5.90 -4.74
C GLY F 21 2.25 4.65 -4.46
N TYR F 22 1.12 4.75 -3.77
CA TYR F 22 0.29 3.60 -3.44
C TYR F 22 -1.11 4.07 -3.07
N ALA F 23 -2.12 3.34 -3.52
CA ALA F 23 -3.51 3.67 -3.25
C ALA F 23 -4.06 2.78 -2.15
N ARG F 24 -4.77 3.39 -1.20
CA ARG F 24 -5.39 2.66 -0.10
C ARG F 24 -6.89 2.93 -0.10
N VAL F 25 -7.64 1.96 0.42
CA VAL F 25 -9.10 2.03 0.38
C VAL F 25 -9.61 3.20 1.22
N SER F 26 -9.04 3.39 2.40
CA SER F 26 -9.49 4.48 3.27
C SER F 26 -9.26 5.84 2.62
N ASP F 27 -8.10 6.03 1.97
CA ASP F 27 -7.82 7.30 1.32
C ASP F 27 -8.80 7.56 0.18
N ILE F 28 -9.11 6.53 -0.61
CA ILE F 28 -10.07 6.70 -1.69
C ILE F 28 -11.45 7.05 -1.13
N ALA F 29 -11.87 6.36 -0.07
CA ALA F 29 -13.17 6.64 0.54
C ALA F 29 -13.23 8.06 1.06
N GLU F 30 -12.16 8.53 1.71
CA GLU F 30 -12.13 9.90 2.20
C GLU F 30 -12.16 10.90 1.06
N ALA F 31 -11.41 10.63 -0.02
CA ALA F 31 -11.38 11.54 -1.16
C ALA F 31 -12.75 11.66 -1.82
N LEU F 32 -13.44 10.54 -2.00
CA LEU F 32 -14.75 10.55 -2.65
C LEU F 32 -15.90 10.69 -1.66
N ALA F 33 -15.61 10.78 -0.38
CA ALA F 33 -16.62 11.00 0.67
C ALA F 33 -17.74 9.95 0.60
N VAL F 34 -17.34 8.69 0.47
CA VAL F 34 -18.27 7.58 0.40
C VAL F 34 -17.82 6.51 1.39
N HIS F 35 -18.76 5.63 1.74
CA HIS F 35 -18.46 4.57 2.69
C HIS F 35 -17.49 3.57 2.07
N PRO F 36 -16.59 2.99 2.87
CA PRO F 36 -15.62 2.03 2.30
C PRO F 36 -16.27 0.80 1.68
N SER F 37 -17.48 0.44 2.09
CA SER F 37 -18.16 -0.69 1.45
C SER F 37 -18.43 -0.40 -0.03
N SER F 38 -18.89 0.82 -0.34
CA SER F 38 -19.08 1.20 -1.73
C SER F 38 -17.76 1.20 -2.48
N VAL F 39 -16.68 1.60 -1.81
CA VAL F 39 -15.36 1.58 -2.44
C VAL F 39 -14.96 0.15 -2.78
N THR F 40 -15.20 -0.79 -1.87
CA THR F 40 -14.89 -2.18 -2.14
C THR F 40 -15.72 -2.72 -3.30
N LYS F 41 -17.00 -2.38 -3.33
CA LYS F 41 -17.85 -2.80 -4.45
C LYS F 41 -17.33 -2.25 -5.77
N MET F 42 -16.96 -0.97 -5.80
CA MET F 42 -16.44 -0.36 -7.02
C MET F 42 -15.12 -1.00 -7.43
N VAL F 43 -14.26 -1.30 -6.46
CA VAL F 43 -12.98 -1.94 -6.76
C VAL F 43 -13.21 -3.30 -7.38
N GLN F 44 -14.13 -4.09 -6.81
CA GLN F 44 -14.43 -5.40 -7.37
C GLN F 44 -15.01 -5.27 -8.79
N LYS F 45 -15.89 -4.30 -9.00
CA LYS F 45 -16.47 -4.12 -10.33
C LYS F 45 -15.41 -3.72 -11.35
N LEU F 46 -14.49 -2.83 -10.96
CA LEU F 46 -13.40 -2.45 -11.86
C LEU F 46 -12.47 -3.62 -12.14
N ASP F 47 -12.23 -4.46 -11.12
CA ASP F 47 -11.44 -5.67 -11.35
C ASP F 47 -12.13 -6.58 -12.35
N LYS F 48 -13.47 -6.64 -12.29
CA LYS F 48 -14.22 -7.39 -13.30
C LYS F 48 -14.02 -6.81 -14.69
N ASP F 49 -13.72 -5.52 -14.80
CA ASP F 49 -13.49 -4.87 -16.09
C ASP F 49 -12.02 -4.90 -16.51
N GLU F 50 -11.16 -5.56 -15.73
CA GLU F 50 -9.75 -5.73 -16.06
C GLU F 50 -9.02 -4.40 -16.23
N TYR F 51 -9.42 -3.39 -15.45
CA TYR F 51 -8.70 -2.12 -15.45
C TYR F 51 -7.57 -2.10 -14.42
N LEU F 52 -7.70 -2.90 -13.37
CA LEU F 52 -6.69 -2.96 -12.32
C LEU F 52 -6.69 -4.34 -11.69
N ILE F 53 -5.59 -4.68 -11.04
CA ILE F 53 -5.44 -5.95 -10.34
C ILE F 53 -5.60 -5.70 -8.85
N TYR F 54 -6.50 -6.46 -8.23
CA TYR F 54 -6.84 -6.30 -6.82
C TYR F 54 -6.46 -7.55 -6.06
N GLU F 55 -5.84 -7.38 -4.89
CA GLU F 55 -5.50 -8.48 -4.00
C GLU F 55 -6.30 -8.37 -2.71
N LYS F 56 -6.77 -9.52 -2.23
CA LYS F 56 -7.90 -9.60 -1.31
C LYS F 56 -7.71 -8.73 -0.08
N TYR F 57 -6.48 -8.64 0.42
CA TYR F 57 -6.20 -7.82 1.58
C TYR F 57 -4.99 -6.92 1.38
N ARG F 58 -4.30 -7.04 0.26
CA ARG F 58 -3.09 -6.26 -0.01
C ARG F 58 -3.43 -4.88 -0.58
N GLY F 59 -4.02 -4.85 -1.77
CA GLY F 59 -4.32 -3.55 -2.37
C GLY F 59 -4.66 -3.64 -3.84
N LEU F 60 -4.38 -2.53 -4.54
CA LEU F 60 -4.70 -2.39 -5.96
C LEU F 60 -3.47 -1.93 -6.73
N VAL F 61 -3.37 -2.40 -7.97
CA VAL F 61 -2.32 -1.95 -8.88
C VAL F 61 -2.95 -1.69 -10.24
N LEU F 62 -2.71 -0.50 -10.79
CA LEU F 62 -3.29 -0.12 -12.06
C LEU F 62 -2.59 -0.80 -13.23
N THR F 63 -3.32 -0.96 -14.33
CA THR F 63 -2.79 -1.55 -15.54
C THR F 63 -2.37 -0.46 -16.54
N SER F 64 -1.77 -0.89 -17.65
CA SER F 64 -1.32 0.07 -18.66
C SER F 64 -2.50 0.82 -19.26
N LYS F 65 -3.58 0.12 -19.58
CA LYS F 65 -4.79 0.79 -20.05
C LYS F 65 -5.34 1.73 -18.99
N GLY F 66 -5.37 1.26 -17.74
CA GLY F 66 -5.78 2.12 -16.64
C GLY F 66 -4.88 3.33 -16.47
N LYS F 67 -3.57 3.12 -16.64
CA LYS F 67 -2.63 4.23 -16.56
C LYS F 67 -2.90 5.28 -17.65
N LYS F 68 -3.13 4.83 -18.87
CA LYS F 68 -3.41 5.77 -19.96
C LYS F 68 -4.72 6.52 -19.72
N ILE F 69 -5.76 5.81 -19.28
CA ILE F 69 -7.04 6.46 -19.01
C ILE F 69 -6.90 7.47 -17.89
N GLY F 70 -6.18 7.10 -16.82
CA GLY F 70 -5.96 8.04 -15.74
C GLY F 70 -5.17 9.26 -16.15
N LYS F 71 -4.14 9.06 -16.98
CA LYS F 71 -3.35 10.19 -17.46
C LYS F 71 -4.21 11.13 -18.30
N ARG F 72 -5.03 10.58 -19.19
CA ARG F 72 -5.90 11.41 -20.01
C ARG F 72 -6.91 12.17 -19.14
N LEU F 73 -7.48 11.50 -18.15
CA LEU F 73 -8.45 12.15 -17.28
C LEU F 73 -7.81 13.23 -16.43
N VAL F 74 -6.59 13.00 -15.95
CA VAL F 74 -5.87 14.01 -15.18
C VAL F 74 -5.54 15.21 -16.05
N TYR F 75 -5.15 14.96 -17.31
CA TYR F 75 -4.90 16.06 -18.23
C TYR F 75 -6.17 16.88 -18.46
N ARG F 76 -7.31 16.20 -18.65
CA ARG F 76 -8.56 16.91 -18.83
C ARG F 76 -8.91 17.73 -17.59
N HIS F 77 -8.73 17.13 -16.40
CA HIS F 77 -9.06 17.82 -15.16
C HIS F 77 -8.19 19.06 -14.97
N GLU F 78 -6.88 18.94 -15.22
CA GLU F 78 -5.99 20.07 -15.02
C GLU F 78 -6.24 21.16 -16.04
N LEU F 79 -6.55 20.79 -17.29
CA LEU F 79 -6.85 21.82 -18.29
C LEU F 79 -8.16 22.52 -17.95
N LEU F 80 -9.15 21.78 -17.44
CA LEU F 80 -10.39 22.41 -16.99
C LEU F 80 -10.13 23.38 -15.84
N GLU F 81 -9.29 22.98 -14.89
CA GLU F 81 -8.96 23.87 -13.77
C GLU F 81 -8.27 25.13 -14.27
N GLN F 82 -7.31 24.98 -15.19
CA GLN F 82 -6.61 26.14 -15.73
C GLN F 82 -7.56 27.05 -16.49
N PHE F 83 -8.46 26.47 -17.29
CA PHE F 83 -9.42 27.27 -18.04
C PHE F 83 -10.34 28.05 -17.10
N LEU F 84 -10.83 27.39 -16.04
CA LEU F 84 -11.70 28.08 -15.10
C LEU F 84 -10.95 29.16 -14.33
N ARG F 85 -9.68 28.93 -14.01
CA ARG F 85 -8.89 29.95 -13.32
C ARG F 85 -8.56 31.13 -14.23
N ILE F 86 -8.46 30.88 -15.54
CA ILE F 86 -8.09 31.95 -16.47
C ILE F 86 -9.14 33.06 -16.46
N ILE F 87 -10.42 32.69 -16.48
CA ILE F 87 -11.47 33.69 -16.55
C ILE F 87 -11.53 34.53 -15.28
N GLY F 88 -11.27 33.92 -14.13
CA GLY F 88 -11.27 34.65 -12.87
C GLY F 88 -12.31 34.17 -11.87
N VAL F 89 -12.68 32.89 -11.95
CA VAL F 89 -13.65 32.34 -11.01
C VAL F 89 -12.97 32.12 -9.66
N ASP F 90 -13.75 32.23 -8.59
CA ASP F 90 -13.22 32.03 -7.25
C ASP F 90 -12.72 30.59 -7.08
N GLU F 91 -11.56 30.45 -6.45
CA GLU F 91 -10.92 29.15 -6.31
C GLU F 91 -11.74 28.18 -5.49
N GLU F 92 -12.61 28.69 -4.61
CA GLU F 92 -13.39 27.82 -3.75
C GLU F 92 -14.33 26.93 -4.56
N LYS F 93 -15.00 27.48 -5.57
CA LYS F 93 -15.95 26.73 -6.37
C LYS F 93 -15.33 26.09 -7.61
N ILE F 94 -14.06 26.38 -7.89
CA ILE F 94 -13.44 25.88 -9.12
C ILE F 94 -13.38 24.35 -9.09
N TYR F 95 -12.89 23.78 -7.98
CA TYR F 95 -12.77 22.33 -7.91
C TYR F 95 -14.14 21.66 -7.97
N ASN F 96 -15.13 22.23 -7.29
CA ASN F 96 -16.47 21.66 -7.30
C ASN F 96 -17.05 21.66 -8.70
N ASP F 97 -16.94 22.79 -9.41
CA ASP F 97 -17.48 22.88 -10.76
C ASP F 97 -16.75 21.93 -11.70
N VAL F 98 -15.43 21.85 -11.59
CA VAL F 98 -14.66 20.96 -12.47
C VAL F 98 -15.06 19.52 -12.22
N GLU F 99 -15.18 19.11 -10.95
CA GLU F 99 -15.59 17.75 -10.65
C GLU F 99 -17.01 17.47 -11.11
N GLY F 100 -17.88 18.48 -11.08
CA GLY F 100 -19.24 18.28 -11.54
C GLY F 100 -19.38 18.17 -13.04
N ILE F 101 -18.53 18.88 -13.79
CA ILE F 101 -18.68 18.96 -15.24
C ILE F 101 -17.67 18.11 -15.99
N GLU F 102 -16.72 17.47 -15.31
CA GLU F 102 -15.69 16.71 -16.01
C GLU F 102 -16.20 15.42 -16.62
N HIS F 103 -17.43 15.02 -16.32
CA HIS F 103 -17.96 13.75 -16.81
C HIS F 103 -18.97 13.90 -17.92
N HIS F 104 -19.66 15.03 -18.01
CA HIS F 104 -20.71 15.23 -18.99
C HIS F 104 -20.22 15.95 -20.25
N LEU F 105 -18.93 16.26 -20.33
CA LEU F 105 -18.39 17.00 -21.46
C LEU F 105 -17.82 16.04 -22.50
N SER F 106 -17.98 16.40 -23.77
CA SER F 106 -17.42 15.63 -24.88
C SER F 106 -15.96 16.01 -25.10
N TRP F 107 -15.23 15.12 -25.79
CA TRP F 107 -13.82 15.36 -26.04
C TRP F 107 -13.61 16.52 -27.00
N ASN F 108 -14.53 16.73 -27.94
CA ASN F 108 -14.42 17.89 -28.82
C ASN F 108 -14.50 19.19 -28.03
N SER F 109 -15.40 19.24 -27.04
CA SER F 109 -15.47 20.42 -26.18
C SER F 109 -14.17 20.61 -25.41
N ILE F 110 -13.55 19.52 -24.98
CA ILE F 110 -12.26 19.61 -24.29
C ILE F 110 -11.20 20.18 -25.22
N ASP F 111 -11.19 19.73 -26.47
CA ASP F 111 -10.24 20.27 -27.45
C ASP F 111 -10.47 21.76 -27.67
N ARG F 112 -11.73 22.16 -27.77
CA ARG F 112 -12.05 23.58 -27.95
C ARG F 112 -11.60 24.41 -26.74
N ILE F 113 -11.81 23.89 -25.54
CA ILE F 113 -11.37 24.58 -24.33
C ILE F 113 -9.85 24.72 -24.33
N GLY F 114 -9.14 23.66 -24.71
CA GLY F 114 -7.70 23.74 -24.78
C GLY F 114 -7.22 24.75 -25.81
N ASP F 115 -7.91 24.81 -26.95
CA ASP F 115 -7.57 25.80 -27.98
C ASP F 115 -7.80 27.22 -27.45
N LEU F 116 -8.89 27.43 -26.73
CA LEU F 116 -9.14 28.75 -26.15
C LEU F 116 -8.08 29.12 -25.12
N VAL F 117 -7.67 28.15 -24.29
CA VAL F 117 -6.62 28.40 -23.32
C VAL F 117 -5.31 28.75 -24.01
N GLN F 118 -4.97 28.03 -25.07
CA GLN F 118 -3.76 28.35 -25.83
C GLN F 118 -3.85 29.73 -26.46
N TYR F 119 -5.02 30.10 -26.98
CA TYR F 119 -5.20 31.42 -27.57
C TYR F 119 -5.01 32.52 -26.53
N PHE F 120 -5.56 32.32 -25.33
CA PHE F 120 -5.46 33.36 -24.31
C PHE F 120 -4.13 33.32 -23.57
N GLU F 121 -3.34 32.26 -23.73
CA GLU F 121 -2.06 32.17 -23.05
C GLU F 121 -0.93 32.82 -23.83
N GLU F 122 -1.02 32.87 -25.16
CA GLU F 122 0.05 33.44 -25.97
C GLU F 122 0.09 34.96 -25.87
N ASP F 123 -1.00 35.60 -25.42
CA ASP F 123 -1.07 37.04 -25.32
C ASP F 123 -1.68 37.41 -23.96
N ASP F 124 -1.08 38.41 -23.32
CA ASP F 124 -1.60 38.92 -22.06
C ASP F 124 -2.51 40.12 -22.24
N ALA F 125 -2.41 40.82 -23.37
CA ALA F 125 -3.30 41.95 -23.62
C ALA F 125 -4.75 41.49 -23.72
N ARG F 126 -4.98 40.31 -24.30
CA ARG F 126 -6.33 39.77 -24.37
C ARG F 126 -6.89 39.51 -22.97
N LYS F 127 -6.06 38.96 -22.08
CA LYS F 127 -6.51 38.71 -20.71
C LYS F 127 -6.77 40.04 -19.98
N LYS F 128 -5.93 41.05 -20.21
CA LYS F 128 -6.16 42.35 -19.60
C LYS F 128 -7.45 42.98 -20.09
N ASP F 129 -7.73 42.87 -21.39
CA ASP F 129 -8.98 43.39 -21.93
C ASP F 129 -10.18 42.62 -21.37
N LEU F 130 -10.04 41.30 -21.21
CA LEU F 130 -11.10 40.51 -20.60
C LEU F 130 -11.36 40.96 -19.17
N LYS F 131 -10.30 41.20 -18.40
CA LYS F 131 -10.48 41.69 -17.04
C LYS F 131 -11.15 43.06 -17.02
N SER F 132 -10.74 43.94 -17.93
CA SER F 132 -11.34 45.28 -17.99
C SER F 132 -12.82 45.22 -18.32
N ILE F 133 -13.19 44.43 -19.33
CA ILE F 133 -14.60 44.33 -19.70
C ILE F 133 -15.39 43.63 -18.60
N GLN F 134 -14.77 42.66 -17.93
CA GLN F 134 -15.44 42.00 -16.81
C GLN F 134 -15.75 42.99 -15.70
N LYS F 135 -14.78 43.85 -15.35
CA LYS F 135 -15.05 44.85 -14.32
C LYS F 135 -16.11 45.84 -14.78
N LYS F 136 -16.01 46.31 -16.03
CA LYS F 136 -16.96 47.30 -16.52
C LYS F 136 -18.39 46.74 -16.61
N THR F 137 -18.53 45.43 -16.82
CA THR F 137 -19.85 44.82 -16.84
C THR F 137 -20.32 44.37 -15.46
N GLU F 138 -19.40 44.10 -14.54
CA GLU F 138 -19.75 43.74 -13.18
C GLU F 138 -19.91 44.96 -12.28
N HIS F 139 -19.73 46.16 -12.83
CA HIS F 139 -20.05 47.36 -12.08
C HIS F 139 -21.49 47.34 -11.56
N HIS F 140 -22.39 46.66 -12.26
CA HIS F 140 -23.77 46.55 -11.79
C HIS F 140 -23.87 45.76 -10.49
N ASN F 141 -22.98 44.78 -10.30
CA ASN F 141 -22.95 44.03 -9.05
C ASN F 141 -22.38 44.83 -7.89
N GLN F 142 -21.68 45.93 -8.17
CA GLN F 142 -21.08 46.75 -7.13
C GLN F 142 -22.14 47.61 -6.44
N THR G 3 25.47 -2.90 9.38
CA THR G 3 24.76 -4.10 9.79
C THR G 3 24.17 -4.83 8.59
N PRO G 4 24.50 -6.10 8.43
CA PRO G 4 23.97 -6.87 7.29
C PRO G 4 22.46 -6.96 7.28
N SER G 5 21.80 -6.89 8.44
CA SER G 5 20.35 -6.96 8.48
C SER G 5 19.72 -5.79 7.73
N MET G 6 20.31 -4.60 7.84
CA MET G 6 19.80 -3.45 7.12
C MET G 6 19.83 -3.67 5.61
N GLU G 7 20.96 -4.17 5.09
CA GLU G 7 21.06 -4.45 3.67
C GLU G 7 20.10 -5.55 3.25
N ASP G 8 19.94 -6.58 4.09
CA ASP G 8 19.02 -7.66 3.75
C ASP G 8 17.59 -7.14 3.65
N TYR G 9 17.18 -6.31 4.61
CA TYR G 9 15.84 -5.75 4.57
C TYR G 9 15.66 -4.83 3.36
N ILE G 10 16.67 -4.02 3.06
CA ILE G 10 16.56 -3.11 1.91
C ILE G 10 16.43 -3.91 0.62
N GLU G 11 17.23 -4.97 0.46
CA GLU G 11 17.16 -5.80 -0.72
C GLU G 11 15.79 -6.48 -0.84
N GLN G 12 15.29 -7.03 0.27
CA GLN G 12 13.99 -7.68 0.22
C GLN G 12 12.88 -6.70 -0.13
N ILE G 13 12.91 -5.50 0.47
CA ILE G 13 11.89 -4.51 0.18
C ILE G 13 11.96 -4.07 -1.27
N TYR G 14 13.17 -3.84 -1.79
CA TYR G 14 13.31 -3.42 -3.18
C TYR G 14 12.80 -4.49 -4.14
N MET G 15 13.16 -5.75 -3.89
CA MET G 15 12.70 -6.83 -4.76
C MET G 15 11.19 -6.97 -4.69
N LEU G 16 10.62 -6.89 -3.48
CA LEU G 16 9.18 -7.03 -3.34
C LEU G 16 8.44 -5.89 -4.04
N ILE G 17 8.96 -4.67 -3.95
CA ILE G 17 8.35 -3.54 -4.62
C ILE G 17 8.43 -3.71 -6.14
N GLU G 18 9.59 -4.14 -6.64
CA GLU G 18 9.73 -4.31 -8.08
C GLU G 18 8.86 -5.44 -8.61
N GLU G 19 8.58 -6.46 -7.78
CA GLU G 19 7.78 -7.59 -8.23
C GLU G 19 6.28 -7.31 -8.11
N LYS G 20 5.84 -6.82 -6.96
CA LYS G 20 4.41 -6.60 -6.70
C LYS G 20 3.96 -5.18 -6.98
N GLY G 21 4.86 -4.20 -6.94
CA GLY G 21 4.47 -2.81 -7.01
C GLY G 21 4.20 -2.16 -5.68
N TYR G 22 4.18 -2.93 -4.59
CA TYR G 22 3.94 -2.40 -3.25
C TYR G 22 4.42 -3.40 -2.22
N ALA G 23 5.02 -2.90 -1.16
CA ALA G 23 5.55 -3.74 -0.09
C ALA G 23 4.61 -3.72 1.11
N ARG G 24 4.34 -4.89 1.67
CA ARG G 24 3.49 -5.01 2.84
C ARG G 24 4.26 -5.70 3.96
N VAL G 25 3.87 -5.39 5.20
CA VAL G 25 4.59 -5.88 6.36
C VAL G 25 4.50 -7.41 6.45
N SER G 26 3.31 -7.96 6.22
CA SER G 26 3.15 -9.41 6.31
C SER G 26 4.00 -10.14 5.28
N ASP G 27 4.06 -9.62 4.06
CA ASP G 27 4.88 -10.26 3.03
C ASP G 27 6.35 -10.23 3.39
N ILE G 28 6.83 -9.10 3.94
CA ILE G 28 8.23 -9.02 4.35
C ILE G 28 8.51 -10.00 5.49
N ALA G 29 7.60 -10.08 6.46
CA ALA G 29 7.79 -11.00 7.57
C ALA G 29 7.83 -12.45 7.08
N GLU G 30 6.94 -12.80 6.15
CA GLU G 30 6.94 -14.15 5.60
C GLU G 30 8.22 -14.43 4.83
N ALA G 31 8.69 -13.46 4.05
CA ALA G 31 9.90 -13.65 3.26
C ALA G 31 11.12 -13.85 4.15
N LEU G 32 11.24 -13.06 5.21
CA LEU G 32 12.38 -13.16 6.11
C LEU G 32 12.14 -14.10 7.28
N ALA G 33 10.96 -14.72 7.36
CA ALA G 33 10.64 -15.71 8.38
C ALA G 33 10.88 -15.17 9.79
N VAL G 34 10.40 -13.95 10.03
CA VAL G 34 10.53 -13.30 11.32
C VAL G 34 9.17 -12.76 11.75
N HIS G 35 9.04 -12.50 13.04
CA HIS G 35 7.78 -12.00 13.58
C HIS G 35 7.54 -10.58 13.08
N PRO G 36 6.28 -10.20 12.82
CA PRO G 36 6.01 -8.85 12.32
C PRO G 36 6.43 -7.74 13.26
N SER G 37 6.54 -8.02 14.57
CA SER G 37 7.03 -7.00 15.49
C SER G 37 8.46 -6.61 15.16
N SER G 38 9.32 -7.60 14.88
CA SER G 38 10.68 -7.30 14.47
C SER G 38 10.70 -6.53 13.16
N VAL G 39 9.77 -6.85 12.25
CA VAL G 39 9.68 -6.11 10.99
C VAL G 39 9.33 -4.65 11.25
N THR G 40 8.38 -4.40 12.17
CA THR G 40 8.02 -3.04 12.51
C THR G 40 9.20 -2.29 13.12
N LYS G 41 9.94 -2.96 14.01
CA LYS G 41 11.12 -2.33 14.61
C LYS G 41 12.15 -1.98 13.54
N MET G 42 12.40 -2.90 12.62
CA MET G 42 13.37 -2.65 11.55
C MET G 42 12.90 -1.53 10.64
N VAL G 43 11.61 -1.47 10.35
CA VAL G 43 11.07 -0.40 9.50
C VAL G 43 11.26 0.95 10.18
N GLN G 44 10.96 1.02 11.48
CA GLN G 44 11.16 2.27 12.20
C GLN G 44 12.64 2.67 12.23
N LYS G 45 13.53 1.70 12.44
CA LYS G 45 14.95 2.02 12.45
C LYS G 45 15.44 2.51 11.10
N LEU G 46 14.97 1.88 10.01
CA LEU G 46 15.34 2.34 8.67
C LEU G 46 14.77 3.72 8.39
N ASP G 47 13.55 4.00 8.87
CA ASP G 47 13.00 5.34 8.74
C ASP G 47 13.86 6.36 9.48
N LYS G 48 14.41 5.97 10.63
CA LYS G 48 15.36 6.82 11.33
C LYS G 48 16.61 7.09 10.50
N ASP G 49 16.96 6.17 9.60
CA ASP G 49 18.12 6.33 8.73
C ASP G 49 17.79 7.01 7.41
N GLU G 50 16.54 7.45 7.22
CA GLU G 50 16.11 8.19 6.04
C GLU G 50 16.33 7.41 4.75
N TYR G 51 16.19 6.08 4.81
CA TYR G 51 16.25 5.27 3.60
C TYR G 51 14.89 5.11 2.95
N LEU G 52 13.81 5.22 3.72
CA LEU G 52 12.46 5.07 3.21
C LEU G 52 11.52 5.90 4.05
N ILE G 53 10.36 6.21 3.48
CA ILE G 53 9.31 6.95 4.17
C ILE G 53 8.23 5.98 4.60
N TYR G 54 7.88 6.01 5.89
CA TYR G 54 6.92 5.11 6.48
C TYR G 54 5.71 5.89 6.98
N GLU G 55 4.52 5.37 6.71
CA GLU G 55 3.27 5.95 7.21
C GLU G 55 2.61 4.99 8.18
N LYS G 56 2.07 5.56 9.25
CA LYS G 56 1.79 4.83 10.49
C LYS G 56 0.96 3.58 10.26
N TYR G 57 0.01 3.65 9.34
CA TYR G 57 -0.83 2.49 9.03
C TYR G 57 -0.94 2.23 7.53
N ARG G 58 -0.36 3.10 6.70
CA ARG G 58 -0.45 2.95 5.26
C ARG G 58 0.61 2.01 4.72
N GLY G 59 1.89 2.36 4.85
CA GLY G 59 2.92 1.50 4.32
C GLY G 59 4.28 2.17 4.22
N LEU G 60 5.07 1.69 3.26
CA LEU G 60 6.44 2.16 3.06
C LEU G 60 6.66 2.54 1.61
N VAL G 61 7.49 3.55 1.39
CA VAL G 61 7.91 3.95 0.05
C VAL G 61 9.42 4.20 0.08
N LEU G 62 10.13 3.56 -0.85
CA LEU G 62 11.58 3.68 -0.90
C LEU G 62 12.00 5.03 -1.49
N THR G 63 13.21 5.45 -1.12
CA THR G 63 13.79 6.69 -1.61
C THR G 63 14.76 6.40 -2.75
N SER G 64 15.27 7.48 -3.36
CA SER G 64 16.21 7.33 -4.47
C SER G 64 17.48 6.63 -4.03
N LYS G 65 18.03 7.02 -2.87
CA LYS G 65 19.19 6.32 -2.33
C LYS G 65 18.85 4.87 -2.02
N GLY G 66 17.68 4.64 -1.42
CA GLY G 66 17.23 3.28 -1.19
C GLY G 66 17.05 2.50 -2.47
N LYS G 67 16.53 3.15 -3.51
CA LYS G 67 16.37 2.49 -4.80
C LYS G 67 17.71 2.08 -5.38
N LYS G 68 18.71 2.97 -5.32
CA LYS G 68 20.03 2.64 -5.84
C LYS G 68 20.66 1.50 -5.05
N ILE G 69 20.57 1.54 -3.72
CA ILE G 69 21.14 0.48 -2.89
C ILE G 69 20.45 -0.85 -3.19
N GLY G 70 19.13 -0.84 -3.32
CA GLY G 70 18.42 -2.06 -3.63
C GLY G 70 18.77 -2.60 -5.00
N LYS G 71 18.93 -1.73 -5.99
CA LYS G 71 19.32 -2.17 -7.32
C LYS G 71 20.70 -2.81 -7.30
N ARG G 72 21.65 -2.18 -6.59
CA ARG G 72 22.99 -2.74 -6.50
C ARG G 72 22.97 -4.09 -5.79
N LEU G 73 22.20 -4.20 -4.72
CA LEU G 73 22.14 -5.46 -3.97
C LEU G 73 21.47 -6.55 -4.79
N VAL G 74 20.44 -6.20 -5.56
CA VAL G 74 19.78 -7.19 -6.42
C VAL G 74 20.74 -7.64 -7.52
N TYR G 75 21.52 -6.71 -8.08
CA TYR G 75 22.51 -7.09 -9.07
C TYR G 75 23.54 -8.04 -8.48
N ARG G 76 24.02 -7.75 -7.26
CA ARG G 76 24.96 -8.64 -6.60
C ARG G 76 24.35 -10.01 -6.36
N HIS G 77 23.10 -10.05 -5.89
CA HIS G 77 22.43 -11.31 -5.60
C HIS G 77 22.27 -12.15 -6.87
N GLU G 78 21.83 -11.52 -7.96
CA GLU G 78 21.60 -12.26 -9.19
C GLU G 78 22.92 -12.74 -9.80
N LEU G 79 23.98 -11.93 -9.72
CA LEU G 79 25.26 -12.39 -10.23
C LEU G 79 25.81 -13.53 -9.39
N LEU G 80 25.61 -13.48 -8.08
CA LEU G 80 26.00 -14.60 -7.22
C LEU G 80 25.23 -15.86 -7.59
N GLU G 81 23.92 -15.74 -7.82
CA GLU G 81 23.13 -16.90 -8.21
C GLU G 81 23.62 -17.47 -9.53
N GLN G 82 23.89 -16.61 -10.51
CA GLN G 82 24.38 -17.07 -11.80
C GLN G 82 25.74 -17.75 -11.67
N PHE G 83 26.64 -17.18 -10.86
CA PHE G 83 27.95 -17.78 -10.66
C PHE G 83 27.84 -19.15 -10.01
N LEU G 84 26.98 -19.27 -8.99
CA LEU G 84 26.81 -20.56 -8.33
C LEU G 84 26.18 -21.59 -9.26
N ARG G 85 25.26 -21.15 -10.12
CA ARG G 85 24.63 -22.07 -11.06
C ARG G 85 25.60 -22.49 -12.16
N ILE G 86 26.56 -21.64 -12.50
CA ILE G 86 27.51 -21.94 -13.57
C ILE G 86 28.33 -23.19 -13.23
N ILE G 87 28.82 -23.27 -11.99
CA ILE G 87 29.68 -24.39 -11.62
C ILE G 87 28.92 -25.70 -11.62
N GLY G 88 27.64 -25.68 -11.22
CA GLY G 88 26.83 -26.88 -11.22
C GLY G 88 26.33 -27.29 -9.86
N VAL G 89 26.16 -26.33 -8.94
CA VAL G 89 25.65 -26.63 -7.62
C VAL G 89 24.16 -26.89 -7.70
N ASP G 90 23.66 -27.74 -6.80
CA ASP G 90 22.23 -28.05 -6.77
C ASP G 90 21.42 -26.80 -6.45
N GLU G 91 20.30 -26.64 -7.17
CA GLU G 91 19.49 -25.43 -7.04
C GLU G 91 18.88 -25.29 -5.66
N GLU G 92 18.72 -26.41 -4.93
CA GLU G 92 18.08 -26.34 -3.61
C GLU G 92 18.91 -25.52 -2.64
N LYS G 93 20.23 -25.70 -2.64
CA LYS G 93 21.10 -24.99 -1.70
C LYS G 93 21.64 -23.67 -2.26
N ILE G 94 21.39 -23.38 -3.54
CA ILE G 94 21.96 -22.18 -4.15
C ILE G 94 21.44 -20.93 -3.47
N TYR G 95 20.12 -20.84 -3.28
CA TYR G 95 19.54 -19.66 -2.66
C TYR G 95 20.01 -19.51 -1.23
N ASN G 96 20.06 -20.61 -0.48
CA ASN G 96 20.52 -20.55 0.91
C ASN G 96 21.96 -20.06 1.00
N ASP G 97 22.84 -20.61 0.15
CA ASP G 97 24.24 -20.19 0.18
C ASP G 97 24.39 -18.74 -0.22
N VAL G 98 23.67 -18.31 -1.26
CA VAL G 98 23.76 -16.92 -1.70
C VAL G 98 23.29 -15.98 -0.61
N GLU G 99 22.17 -16.31 0.04
CA GLU G 99 21.67 -15.46 1.11
C GLU G 99 22.62 -15.46 2.31
N GLY G 100 23.32 -16.57 2.55
CA GLY G 100 24.26 -16.61 3.65
C GLY G 100 25.53 -15.84 3.39
N ILE G 101 25.98 -15.78 2.13
CA ILE G 101 27.28 -15.20 1.82
C ILE G 101 27.18 -13.82 1.19
N GLU G 102 25.97 -13.34 0.89
CA GLU G 102 25.84 -12.06 0.20
C GLU G 102 26.19 -10.87 1.08
N HIS G 103 26.38 -11.06 2.38
CA HIS G 103 26.62 -9.95 3.29
C HIS G 103 28.06 -9.85 3.75
N HIS G 104 28.81 -10.96 3.76
CA HIS G 104 30.17 -10.97 4.26
C HIS G 104 31.21 -10.81 3.15
N LEU G 105 30.78 -10.61 1.91
CA LEU G 105 31.70 -10.51 0.78
C LEU G 105 32.01 -9.04 0.48
N SER G 106 33.24 -8.77 0.08
CA SER G 106 33.66 -7.44 -0.32
C SER G 106 33.29 -7.18 -1.78
N TRP G 107 33.25 -5.90 -2.15
CA TRP G 107 32.88 -5.53 -3.51
C TRP G 107 33.95 -5.95 -4.52
N ASN G 108 35.21 -5.97 -4.10
CA ASN G 108 36.26 -6.45 -5.00
C ASN G 108 36.06 -7.92 -5.33
N SER G 109 35.66 -8.72 -4.34
CA SER G 109 35.35 -10.12 -4.60
C SER G 109 34.18 -10.25 -5.56
N ILE G 110 33.18 -9.37 -5.43
CA ILE G 110 32.05 -9.37 -6.35
C ILE G 110 32.51 -9.06 -7.77
N ASP G 111 33.41 -8.08 -7.91
CA ASP G 111 33.94 -7.75 -9.23
C ASP G 111 34.70 -8.94 -9.81
N ARG G 112 35.50 -9.63 -8.99
CA ARG G 112 36.24 -10.80 -9.47
C ARG G 112 35.29 -11.90 -9.90
N ILE G 113 34.22 -12.13 -9.14
CA ILE G 113 33.24 -13.15 -9.50
C ILE G 113 32.57 -12.79 -10.83
N GLY G 114 32.23 -11.52 -11.01
CA GLY G 114 31.65 -11.09 -12.28
C GLY G 114 32.60 -11.28 -13.44
N ASP G 115 33.89 -10.98 -13.21
CA ASP G 115 34.89 -11.20 -14.25
C ASP G 115 35.00 -12.68 -14.61
N LEU G 116 34.98 -13.55 -13.61
CA LEU G 116 35.02 -14.99 -13.87
C LEU G 116 33.79 -15.45 -14.64
N VAL G 117 32.62 -14.93 -14.28
CA VAL G 117 31.39 -15.28 -15.00
C VAL G 117 31.48 -14.82 -16.45
N GLN G 118 31.98 -13.61 -16.69
CA GLN G 118 32.16 -13.13 -18.05
C GLN G 118 33.15 -13.99 -18.82
N TYR G 119 34.24 -14.40 -18.17
CA TYR G 119 35.22 -15.26 -18.82
C TYR G 119 34.62 -16.60 -19.21
N PHE G 120 33.82 -17.19 -18.33
CA PHE G 120 33.24 -18.50 -18.62
C PHE G 120 32.00 -18.42 -19.51
N GLU G 121 31.44 -17.22 -19.70
CA GLU G 121 30.26 -17.08 -20.53
C GLU G 121 30.59 -16.87 -22.01
N GLU G 122 31.76 -16.30 -22.31
CA GLU G 122 32.11 -16.05 -23.71
C GLU G 122 32.49 -17.32 -24.45
N ASP G 123 32.82 -18.40 -23.72
CA ASP G 123 33.20 -19.66 -24.33
C ASP G 123 32.49 -20.80 -23.62
N ASP G 124 31.99 -21.74 -24.42
CA ASP G 124 31.33 -22.94 -23.88
C ASP G 124 32.29 -24.12 -23.75
N ALA G 125 33.40 -24.11 -24.49
CA ALA G 125 34.37 -25.19 -24.36
C ALA G 125 34.98 -25.21 -22.97
N ARG G 126 35.20 -24.04 -22.37
CA ARG G 126 35.70 -23.99 -21.00
C ARG G 126 34.72 -24.62 -20.03
N LYS G 127 33.42 -24.34 -20.19
CA LYS G 127 32.41 -24.94 -19.33
C LYS G 127 32.35 -26.46 -19.54
N LYS G 128 32.47 -26.92 -20.79
CA LYS G 128 32.47 -28.35 -21.05
C LYS G 128 33.68 -29.03 -20.42
N ASP G 129 34.85 -28.40 -20.49
CA ASP G 129 36.04 -28.95 -19.85
C ASP G 129 35.89 -28.97 -18.34
N LEU G 130 35.27 -27.92 -17.77
CA LEU G 130 35.00 -27.89 -16.35
C LEU G 130 34.08 -29.03 -15.94
N LYS G 131 33.02 -29.28 -16.72
CA LYS G 131 32.13 -30.40 -16.44
C LYS G 131 32.85 -31.73 -16.53
N SER G 132 33.71 -31.88 -17.55
CA SER G 132 34.44 -33.13 -17.71
C SER G 132 35.38 -33.39 -16.54
N ILE G 133 36.15 -32.38 -16.14
CA ILE G 133 37.07 -32.56 -15.02
C ILE G 133 36.30 -32.75 -13.72
N GLN G 134 35.15 -32.09 -13.58
CA GLN G 134 34.32 -32.30 -12.40
C GLN G 134 33.85 -33.74 -12.31
N LYS G 135 33.39 -34.31 -13.41
CA LYS G 135 32.97 -35.71 -13.39
C LYS G 135 34.15 -36.63 -13.12
N LYS G 136 35.29 -36.38 -13.77
CA LYS G 136 36.46 -37.25 -13.59
C LYS G 136 37.00 -37.20 -12.17
N THR G 137 36.83 -36.07 -11.48
CA THR G 137 37.27 -35.96 -10.09
C THR G 137 36.20 -36.42 -9.11
N GLU G 138 34.92 -36.35 -9.48
CA GLU G 138 33.84 -36.82 -8.63
C GLU G 138 33.54 -38.29 -8.83
N HIS G 139 34.29 -38.96 -9.71
CA HIS G 139 34.20 -40.42 -9.82
C HIS G 139 34.42 -41.09 -8.48
N HIS G 140 35.21 -40.48 -7.59
CA HIS G 140 35.42 -41.04 -6.26
C HIS G 140 34.15 -41.04 -5.43
N ASN G 141 33.26 -40.07 -5.65
CA ASN G 141 31.98 -40.05 -4.95
C ASN G 141 31.00 -41.08 -5.50
N GLN G 142 31.26 -41.62 -6.69
CA GLN G 142 30.38 -42.61 -7.29
C GLN G 142 30.56 -43.97 -6.63
N THR H 3 26.75 -24.70 15.18
CA THR H 3 27.16 -23.33 15.38
C THR H 3 28.54 -23.07 14.78
N PRO H 4 28.64 -22.07 13.90
CA PRO H 4 29.94 -21.77 13.29
C PRO H 4 31.03 -21.40 14.28
N SER H 5 30.66 -20.85 15.44
CA SER H 5 31.66 -20.49 16.44
C SER H 5 32.41 -21.71 16.94
N MET H 6 31.71 -22.84 17.10
CA MET H 6 32.37 -24.06 17.53
C MET H 6 33.43 -24.51 16.53
N GLU H 7 33.08 -24.51 15.25
CA GLU H 7 34.06 -24.87 14.22
C GLU H 7 35.22 -23.89 14.17
N ASP H 8 34.93 -22.59 14.32
CA ASP H 8 35.99 -21.60 14.31
C ASP H 8 36.97 -21.82 15.45
N TYR H 9 36.44 -22.07 16.66
CA TYR H 9 37.30 -22.33 17.80
C TYR H 9 38.11 -23.62 17.61
N ILE H 10 37.47 -24.67 17.08
CA ILE H 10 38.17 -25.92 16.88
C ILE H 10 39.31 -25.74 15.87
N GLU H 11 39.04 -25.02 14.78
CA GLU H 11 40.08 -24.77 13.78
C GLU H 11 41.23 -23.96 14.36
N GLN H 12 40.91 -22.90 15.12
CA GLN H 12 41.96 -22.09 15.71
C GLN H 12 42.80 -22.89 16.69
N ILE H 13 42.15 -23.71 17.53
CA ILE H 13 42.89 -24.51 18.50
C ILE H 13 43.78 -25.52 17.79
N TYR H 14 43.25 -26.18 16.76
CA TYR H 14 44.04 -27.16 16.03
C TYR H 14 45.24 -26.52 15.37
N MET H 15 45.05 -25.38 14.71
CA MET H 15 46.17 -24.70 14.07
C MET H 15 47.20 -24.23 15.08
N LEU H 16 46.74 -23.70 16.22
CA LEU H 16 47.68 -23.24 17.24
C LEU H 16 48.47 -24.39 17.83
N ILE H 17 47.82 -25.54 18.05
CA ILE H 17 48.52 -26.70 18.57
C ILE H 17 49.54 -27.21 17.55
N GLU H 18 49.16 -27.26 16.27
CA GLU H 18 50.09 -27.74 15.26
C GLU H 18 51.26 -26.78 15.07
N GLU H 19 51.07 -25.49 15.31
CA GLU H 19 52.14 -24.52 15.12
C GLU H 19 53.06 -24.43 16.34
N LYS H 20 52.48 -24.29 17.53
CA LYS H 20 53.25 -24.10 18.76
C LYS H 20 53.51 -25.39 19.52
N GLY H 21 52.67 -26.41 19.35
CA GLY H 21 52.75 -27.60 20.16
C GLY H 21 51.90 -27.57 21.41
N TYR H 22 51.28 -26.42 21.72
CA TYR H 22 50.44 -26.28 22.90
C TYR H 22 49.56 -25.04 22.73
N ALA H 23 48.31 -25.16 23.16
CA ALA H 23 47.35 -24.07 23.05
C ALA H 23 47.17 -23.40 24.42
N ARG H 24 47.18 -22.08 24.42
CA ARG H 24 46.98 -21.29 25.63
C ARG H 24 45.78 -20.37 25.46
N VAL H 25 45.14 -20.05 26.59
CA VAL H 25 43.91 -19.26 26.55
C VAL H 25 44.18 -17.86 26.01
N SER H 26 45.27 -17.24 26.46
CA SER H 26 45.58 -15.88 26.01
C SER H 26 45.83 -15.84 24.50
N ASP H 27 46.55 -16.83 23.97
CA ASP H 27 46.81 -16.85 22.54
C ASP H 27 45.52 -17.01 21.74
N ILE H 28 44.61 -17.87 22.20
CA ILE H 28 43.33 -18.05 21.53
C ILE H 28 42.53 -16.75 21.57
N ALA H 29 42.49 -16.10 22.72
CA ALA H 29 41.76 -14.85 22.85
C ALA H 29 42.32 -13.78 21.92
N GLU H 30 43.65 -13.68 21.83
CA GLU H 30 44.28 -12.72 20.94
C GLU H 30 43.97 -13.05 19.48
N ALA H 31 44.01 -14.34 19.13
CA ALA H 31 43.76 -14.73 17.74
C ALA H 31 42.32 -14.42 17.34
N LEU H 32 41.36 -14.69 18.21
CA LEU H 32 39.95 -14.45 17.91
C LEU H 32 39.48 -13.07 18.34
N ALA H 33 40.35 -12.26 18.95
CA ALA H 33 40.05 -10.88 19.33
C ALA H 33 38.79 -10.82 20.22
N VAL H 34 38.75 -11.70 21.21
CA VAL H 34 37.64 -11.76 22.15
C VAL H 34 38.20 -11.80 23.57
N HIS H 35 37.34 -11.46 24.53
CA HIS H 35 37.77 -11.43 25.92
C HIS H 35 38.03 -12.85 26.42
N PRO H 36 39.02 -13.04 27.30
CA PRO H 36 39.32 -14.40 27.78
C PRO H 36 38.16 -15.06 28.50
N SER H 37 37.23 -14.30 29.07
CA SER H 37 36.07 -14.90 29.70
C SER H 37 35.22 -15.66 28.69
N SER H 38 35.00 -15.07 27.51
CA SER H 38 34.29 -15.78 26.46
C SER H 38 35.05 -17.02 26.01
N VAL H 39 36.39 -16.94 25.99
CA VAL H 39 37.19 -18.09 25.64
C VAL H 39 37.00 -19.22 26.65
N THR H 40 36.97 -18.87 27.94
CA THR H 40 36.75 -19.87 28.98
C THR H 40 35.36 -20.50 28.83
N LYS H 41 34.34 -19.68 28.57
CA LYS H 41 33.01 -20.21 28.37
C LYS H 41 32.96 -21.17 27.19
N MET H 42 33.60 -20.79 26.08
CA MET H 42 33.62 -21.65 24.90
C MET H 42 34.37 -22.95 25.17
N VAL H 43 35.48 -22.86 25.92
CA VAL H 43 36.24 -24.06 26.25
C VAL H 43 35.40 -25.00 27.10
N GLN H 44 34.68 -24.47 28.09
CA GLN H 44 33.83 -25.31 28.91
C GLN H 44 32.72 -25.94 28.08
N LYS H 45 32.12 -25.17 27.17
CA LYS H 45 31.05 -25.71 26.32
C LYS H 45 31.58 -26.81 25.42
N LEU H 46 32.77 -26.62 24.84
CA LEU H 46 33.36 -27.66 24.01
C LEU H 46 33.71 -28.90 24.82
N ASP H 47 34.17 -28.70 26.06
CA ASP H 47 34.42 -29.85 26.94
C ASP H 47 33.12 -30.60 27.21
N LYS H 48 32.01 -29.87 27.34
CA LYS H 48 30.71 -30.52 27.46
C LYS H 48 30.37 -31.35 26.23
N ASP H 49 30.91 -30.99 25.06
CA ASP H 49 30.68 -31.72 23.82
C ASP H 49 31.70 -32.82 23.58
N GLU H 50 32.62 -33.04 24.52
CA GLU H 50 33.61 -34.11 24.45
C GLU H 50 34.51 -34.00 23.21
N TYR H 51 34.79 -32.78 22.77
CA TYR H 51 35.73 -32.57 21.68
C TYR H 51 37.16 -32.44 22.16
N LEU H 52 37.35 -32.00 23.40
CA LEU H 52 38.68 -31.83 23.97
C LEU H 52 38.61 -32.02 25.48
N ILE H 53 39.75 -32.32 26.08
CA ILE H 53 39.87 -32.48 27.52
C ILE H 53 40.50 -31.22 28.10
N TYR H 54 39.84 -30.65 29.10
CA TYR H 54 40.26 -29.40 29.72
C TYR H 54 40.60 -29.65 31.18
N GLU H 55 41.73 -29.07 31.63
CA GLU H 55 42.14 -29.13 33.03
C GLU H 55 42.10 -27.74 33.63
N LYS H 56 41.63 -27.69 34.88
CA LYS H 56 41.09 -26.47 35.49
C LYS H 56 42.06 -25.30 35.39
N TYR H 57 43.35 -25.56 35.54
CA TYR H 57 44.35 -24.51 35.44
C TYR H 57 45.50 -24.89 34.53
N ARG H 58 45.54 -26.11 34.01
CA ARG H 58 46.63 -26.58 33.17
C ARG H 58 46.43 -26.17 31.72
N GLY H 59 45.39 -26.68 31.08
CA GLY H 59 45.19 -26.35 29.67
C GLY H 59 44.20 -27.24 28.97
N LEU H 60 44.39 -27.38 27.66
CA LEU H 60 43.49 -28.14 26.80
C LEU H 60 44.28 -29.13 25.97
N VAL H 61 43.67 -30.28 25.70
CA VAL H 61 44.24 -31.28 24.80
C VAL H 61 43.13 -31.78 23.88
N LEU H 62 43.39 -31.76 22.57
CA LEU H 62 42.39 -32.16 21.60
C LEU H 62 42.27 -33.68 21.54
N THR H 63 41.10 -34.14 21.10
CA THR H 63 40.82 -35.56 20.95
C THR H 63 40.98 -35.97 19.49
N SER H 64 40.85 -37.28 19.24
CA SER H 64 41.01 -37.80 17.88
C SER H 64 39.93 -37.23 16.96
N LYS H 65 38.69 -37.21 17.42
CA LYS H 65 37.62 -36.58 16.65
C LYS H 65 37.91 -35.10 16.44
N GLY H 66 38.34 -34.41 17.50
CA GLY H 66 38.74 -33.02 17.35
C GLY H 66 39.89 -32.84 16.39
N LYS H 67 40.86 -33.75 16.43
CA LYS H 67 41.99 -33.68 15.50
C LYS H 67 41.53 -33.83 14.05
N LYS H 68 40.63 -34.78 13.79
CA LYS H 68 40.13 -34.96 12.44
C LYS H 68 39.33 -33.74 11.97
N ILE H 69 38.48 -33.20 12.83
CA ILE H 69 37.69 -32.02 12.46
C ILE H 69 38.61 -30.84 12.20
N GLY H 70 39.62 -30.64 13.04
CA GLY H 70 40.55 -29.56 12.82
C GLY H 70 41.35 -29.72 11.54
N LYS H 71 41.78 -30.94 11.24
CA LYS H 71 42.51 -31.18 10.00
C LYS H 71 41.65 -30.88 8.79
N ARG H 72 40.38 -31.33 8.81
CA ARG H 72 39.48 -31.05 7.70
C ARG H 72 39.25 -29.55 7.55
N LEU H 73 39.05 -28.86 8.66
CA LEU H 73 38.80 -27.41 8.60
C LEU H 73 40.03 -26.66 8.11
N VAL H 74 41.22 -27.08 8.53
CA VAL H 74 42.45 -26.46 8.05
C VAL H 74 42.62 -26.70 6.56
N TYR H 75 42.32 -27.91 6.09
CA TYR H 75 42.37 -28.19 4.66
C TYR H 75 41.42 -27.30 3.89
N ARG H 76 40.19 -27.14 4.40
CA ARG H 76 39.23 -26.25 3.75
C ARG H 76 39.73 -24.82 3.72
N HIS H 77 40.28 -24.35 4.84
CA HIS H 77 40.77 -22.98 4.93
C HIS H 77 41.91 -22.73 3.95
N GLU H 78 42.87 -23.67 3.89
CA GLU H 78 44.01 -23.48 3.00
C GLU H 78 43.60 -23.56 1.54
N LEU H 79 42.66 -24.46 1.20
CA LEU H 79 42.21 -24.52 -0.18
C LEU H 79 41.44 -23.27 -0.56
N LEU H 80 40.66 -22.71 0.38
CA LEU H 80 40.00 -21.44 0.12
C LEU H 80 41.00 -20.32 -0.12
N GLU H 81 42.06 -20.28 0.71
CA GLU H 81 43.09 -19.26 0.54
C GLU H 81 43.76 -19.40 -0.82
N GLN H 82 44.10 -20.63 -1.20
CA GLN H 82 44.74 -20.86 -2.50
C GLN H 82 43.81 -20.46 -3.64
N PHE H 83 42.54 -20.81 -3.55
CA PHE H 83 41.58 -20.45 -4.59
C PHE H 83 41.45 -18.94 -4.72
N LEU H 84 41.38 -18.24 -3.60
CA LEU H 84 41.26 -16.78 -3.65
C LEU H 84 42.53 -16.14 -4.19
N ARG H 85 43.69 -16.71 -3.87
CA ARG H 85 44.95 -16.17 -4.38
C ARG H 85 45.11 -16.45 -5.87
N ILE H 86 44.52 -17.54 -6.36
CA ILE H 86 44.66 -17.90 -7.78
C ILE H 86 44.08 -16.82 -8.67
N ILE H 87 42.89 -16.32 -8.33
CA ILE H 87 42.23 -15.33 -9.19
C ILE H 87 43.00 -14.03 -9.22
N GLY H 88 43.60 -13.64 -8.10
CA GLY H 88 44.38 -12.41 -8.05
C GLY H 88 43.85 -11.38 -7.09
N VAL H 89 43.17 -11.81 -6.03
CA VAL H 89 42.65 -10.88 -5.04
C VAL H 89 43.79 -10.39 -4.15
N ASP H 90 43.66 -9.17 -3.65
CA ASP H 90 44.70 -8.60 -2.79
C ASP H 90 44.82 -9.41 -1.50
N GLU H 91 46.06 -9.64 -1.08
CA GLU H 91 46.32 -10.50 0.07
C GLU H 91 45.77 -9.92 1.36
N GLU H 92 45.57 -8.60 1.42
CA GLU H 92 45.08 -7.97 2.64
C GLU H 92 43.69 -8.45 3.00
N LYS H 93 42.79 -8.56 2.01
CA LYS H 93 41.42 -8.96 2.26
C LYS H 93 41.20 -10.45 2.12
N ILE H 94 42.21 -11.21 1.68
CA ILE H 94 42.02 -12.64 1.45
C ILE H 94 41.69 -13.36 2.75
N TYR H 95 42.46 -13.10 3.79
CA TYR H 95 42.23 -13.78 5.06
C TYR H 95 40.87 -13.40 5.64
N ASN H 96 40.50 -12.12 5.56
CA ASN H 96 39.22 -11.67 6.08
C ASN H 96 38.07 -12.35 5.35
N ASP H 97 38.12 -12.39 4.01
CA ASP H 97 37.06 -13.01 3.25
C ASP H 97 36.98 -14.51 3.52
N VAL H 98 38.13 -15.19 3.61
CA VAL H 98 38.13 -16.62 3.88
C VAL H 98 37.53 -16.90 5.25
N GLU H 99 37.92 -16.11 6.26
CA GLU H 99 37.37 -16.32 7.60
C GLU H 99 35.88 -16.01 7.64
N GLY H 100 35.42 -15.07 6.81
CA GLY H 100 34.01 -14.74 6.79
C GLY H 100 33.15 -15.77 6.09
N ILE H 101 33.71 -16.44 5.07
CA ILE H 101 32.92 -17.34 4.23
C ILE H 101 33.19 -18.81 4.53
N GLU H 102 34.15 -19.13 5.40
CA GLU H 102 34.50 -20.53 5.64
C GLU H 102 33.43 -21.28 6.42
N HIS H 103 32.42 -20.59 6.96
CA HIS H 103 31.43 -21.24 7.80
C HIS H 103 30.08 -21.42 7.12
N HIS H 104 29.77 -20.58 6.13
CA HIS H 104 28.47 -20.63 5.47
C HIS H 104 28.48 -21.44 4.19
N LEU H 105 29.60 -22.05 3.84
CA LEU H 105 29.73 -22.81 2.60
C LEU H 105 29.47 -24.28 2.83
N SER H 106 28.84 -24.93 1.86
CA SER H 106 28.59 -26.36 1.92
C SER H 106 29.81 -27.14 1.43
N TRP H 107 29.86 -28.42 1.80
CA TRP H 107 31.00 -29.24 1.42
C TRP H 107 31.04 -29.50 -0.08
N ASN H 108 29.87 -29.57 -0.73
CA ASN H 108 29.85 -29.72 -2.18
C ASN H 108 30.49 -28.51 -2.87
N SER H 109 30.22 -27.31 -2.36
CA SER H 109 30.87 -26.12 -2.89
C SER H 109 32.37 -26.19 -2.69
N ILE H 110 32.81 -26.72 -1.56
CA ILE H 110 34.24 -26.88 -1.31
C ILE H 110 34.85 -27.84 -2.32
N ASP H 111 34.16 -28.95 -2.61
CA ASP H 111 34.64 -29.89 -3.60
C ASP H 111 34.73 -29.23 -4.98
N ARG H 112 33.72 -28.45 -5.34
CA ARG H 112 33.75 -27.75 -6.62
C ARG H 112 34.91 -26.76 -6.71
N ILE H 113 35.16 -26.03 -5.61
CA ILE H 113 36.28 -25.10 -5.59
C ILE H 113 37.60 -25.84 -5.74
N GLY H 114 37.74 -26.98 -5.07
CA GLY H 114 38.95 -27.77 -5.21
C GLY H 114 39.13 -28.29 -6.64
N ASP H 115 38.03 -28.70 -7.27
CA ASP H 115 38.09 -29.14 -8.66
C ASP H 115 38.52 -28.00 -9.58
N LEU H 116 37.99 -26.80 -9.35
CA LEU H 116 38.40 -25.65 -10.15
C LEU H 116 39.87 -25.32 -9.95
N VAL H 117 40.35 -25.41 -8.71
CA VAL H 117 41.76 -25.16 -8.43
C VAL H 117 42.63 -26.20 -9.14
N GLN H 118 42.23 -27.47 -9.10
CA GLN H 118 42.97 -28.50 -9.81
C GLN H 118 42.98 -28.25 -11.32
N TYR H 119 41.83 -27.83 -11.86
CA TYR H 119 41.75 -27.54 -13.29
C TYR H 119 42.68 -26.40 -13.68
N PHE H 120 42.73 -25.35 -12.86
CA PHE H 120 43.57 -24.19 -13.19
C PHE H 120 45.03 -24.40 -12.82
N GLU H 121 45.34 -25.43 -12.03
CA GLU H 121 46.72 -25.69 -11.64
C GLU H 121 47.48 -26.55 -12.63
N GLU H 122 46.79 -27.42 -13.38
CA GLU H 122 47.46 -28.29 -14.33
C GLU H 122 47.93 -27.55 -15.57
N ASP H 123 47.39 -26.35 -15.83
CA ASP H 123 47.77 -25.57 -16.99
C ASP H 123 47.98 -24.12 -16.58
N ASP H 124 49.05 -23.52 -17.09
CA ASP H 124 49.33 -22.12 -16.84
C ASP H 124 48.80 -21.20 -17.93
N ALA H 125 48.53 -21.72 -19.13
CA ALA H 125 47.96 -20.91 -20.19
C ALA H 125 46.56 -20.42 -19.81
N ARG H 126 45.80 -21.25 -19.10
CA ARG H 126 44.48 -20.82 -18.63
C ARG H 126 44.60 -19.65 -17.66
N LYS H 127 45.57 -19.72 -16.74
CA LYS H 127 45.78 -18.63 -15.80
C LYS H 127 46.24 -17.36 -16.53
N LYS H 128 47.10 -17.51 -17.53
CA LYS H 128 47.53 -16.35 -18.30
C LYS H 128 46.37 -15.71 -19.06
N ASP H 129 45.51 -16.53 -19.65
CA ASP H 129 44.33 -16.00 -20.32
C ASP H 129 43.39 -15.32 -19.34
N LEU H 130 43.24 -15.90 -18.15
CA LEU H 130 42.43 -15.26 -17.12
C LEU H 130 42.99 -13.90 -16.73
N LYS H 131 44.31 -13.80 -16.57
CA LYS H 131 44.94 -12.52 -16.26
C LYS H 131 44.73 -11.52 -17.38
N SER H 132 44.88 -11.98 -18.63
CA SER H 132 44.70 -11.08 -19.77
C SER H 132 43.27 -10.55 -19.84
N ILE H 133 42.27 -11.42 -19.71
CA ILE H 133 40.89 -10.97 -19.78
C ILE H 133 40.56 -10.10 -18.57
N GLN H 134 41.14 -10.41 -17.42
CA GLN H 134 40.94 -9.57 -16.23
C GLN H 134 41.46 -8.16 -16.48
N LYS H 135 42.65 -8.03 -17.05
CA LYS H 135 43.18 -6.70 -17.35
C LYS H 135 42.32 -5.99 -18.40
N LYS H 136 41.94 -6.71 -19.45
CA LYS H 136 41.16 -6.10 -20.53
C LYS H 136 39.78 -5.65 -20.06
N THR H 137 39.22 -6.32 -19.05
CA THR H 137 37.94 -5.92 -18.50
C THR H 137 38.07 -4.89 -17.38
N GLU H 138 39.21 -4.86 -16.69
CA GLU H 138 39.46 -3.87 -15.64
C GLU H 138 40.06 -2.59 -16.20
N HIS H 139 40.27 -2.52 -17.51
CA HIS H 139 40.68 -1.26 -18.14
C HIS H 139 39.70 -0.14 -17.79
N HIS H 140 38.43 -0.47 -17.56
CA HIS H 140 37.46 0.55 -17.17
C HIS H 140 37.78 1.15 -15.80
N ASN H 141 38.37 0.37 -14.91
CA ASN H 141 38.78 0.89 -13.61
C ASN H 141 40.02 1.78 -13.69
N GLN H 142 40.76 1.70 -14.80
CA GLN H 142 41.97 2.50 -14.96
C GLN H 142 41.63 3.94 -15.29
N THR I 3 75.95 -33.40 33.55
CA THR I 3 75.20 -33.31 34.80
C THR I 3 73.92 -34.14 34.73
N PRO I 4 73.74 -35.05 35.68
CA PRO I 4 72.53 -35.88 35.69
C PRO I 4 71.24 -35.09 35.81
N SER I 5 71.29 -33.91 36.43
CA SER I 5 70.09 -33.10 36.56
C SER I 5 69.55 -32.67 35.20
N MET I 6 70.45 -32.35 34.26
CA MET I 6 70.01 -31.97 32.92
C MET I 6 69.25 -33.12 32.25
N GLU I 7 69.79 -34.33 32.32
CA GLU I 7 69.10 -35.49 31.73
C GLU I 7 67.78 -35.76 32.44
N ASP I 8 67.75 -35.62 33.77
CA ASP I 8 66.51 -35.84 34.50
C ASP I 8 65.43 -34.86 34.06
N TYR I 9 65.80 -33.57 33.94
CA TYR I 9 64.84 -32.57 33.51
C TYR I 9 64.39 -32.83 32.07
N ILE I 10 65.31 -33.21 31.19
CA ILE I 10 64.94 -33.47 29.81
C ILE I 10 63.98 -34.65 29.73
N GLU I 11 64.26 -35.72 30.47
CA GLU I 11 63.37 -36.88 30.49
C GLU I 11 61.99 -36.52 31.02
N GLN I 12 61.94 -35.76 32.12
CA GLN I 12 60.66 -35.38 32.68
C GLN I 12 59.87 -34.51 31.72
N ILE I 13 60.53 -33.55 31.07
CA ILE I 13 59.83 -32.67 30.13
C ILE I 13 59.33 -33.47 28.94
N TYR I 14 60.14 -34.38 28.41
CA TYR I 14 59.72 -35.18 27.27
C TYR I 14 58.53 -36.06 27.62
N MET I 15 58.57 -36.71 28.78
CA MET I 15 57.45 -37.55 29.18
C MET I 15 56.19 -36.74 29.40
N LEU I 16 56.33 -35.57 30.04
CA LEU I 16 55.16 -34.72 30.29
C LEU I 16 54.56 -34.22 28.98
N ILE I 17 55.41 -33.85 28.02
CA ILE I 17 54.89 -33.41 26.72
C ILE I 17 54.20 -34.55 26.00
N GLU I 18 54.78 -35.75 26.03
CA GLU I 18 54.16 -36.87 25.35
C GLU I 18 52.84 -37.29 26.01
N GLU I 19 52.71 -37.07 27.31
CA GLU I 19 51.50 -37.47 28.02
C GLU I 19 50.39 -36.42 27.91
N LYS I 20 50.72 -35.15 28.18
CA LYS I 20 49.75 -34.08 28.20
C LYS I 20 49.66 -33.31 26.88
N GLY I 21 50.71 -33.30 26.07
CA GLY I 21 50.77 -32.46 24.90
C GLY I 21 51.38 -31.10 25.14
N TYR I 22 51.67 -30.75 26.39
CA TYR I 22 52.25 -29.46 26.72
C TYR I 22 52.85 -29.53 28.12
N ALA I 23 54.01 -28.91 28.30
CA ALA I 23 54.71 -28.90 29.57
C ALA I 23 54.51 -27.57 30.26
N ARG I 24 54.21 -27.61 31.56
CA ARG I 24 54.03 -26.41 32.37
C ARG I 24 55.00 -26.43 33.54
N VAL I 25 55.37 -25.24 34.00
CA VAL I 25 56.38 -25.10 35.04
C VAL I 25 55.90 -25.73 36.35
N SER I 26 54.63 -25.50 36.72
CA SER I 26 54.11 -26.04 37.96
C SER I 26 54.11 -27.57 37.94
N ASP I 27 53.73 -28.17 36.82
CA ASP I 27 53.72 -29.62 36.72
C ASP I 27 55.12 -30.19 36.85
N ILE I 28 56.10 -29.56 36.22
CA ILE I 28 57.49 -30.03 36.33
C ILE I 28 57.96 -29.91 37.78
N ALA I 29 57.66 -28.78 38.43
CA ALA I 29 58.07 -28.60 39.82
C ALA I 29 57.44 -29.65 40.72
N GLU I 30 56.17 -29.94 40.51
CA GLU I 30 55.51 -30.97 41.32
C GLU I 30 56.10 -32.35 41.05
N ALA I 31 56.40 -32.65 39.79
CA ALA I 31 56.97 -33.96 39.46
C ALA I 31 58.35 -34.15 40.08
N LEU I 32 59.19 -33.11 40.04
CA LEU I 32 60.53 -33.21 40.59
C LEU I 32 60.61 -32.75 42.05
N ALA I 33 59.49 -32.34 42.63
CA ALA I 33 59.42 -31.95 44.04
C ALA I 33 60.46 -30.89 44.40
N VAL I 34 60.55 -29.87 43.55
CA VAL I 34 61.46 -28.76 43.73
C VAL I 34 60.70 -27.45 43.59
N HIS I 35 61.29 -26.38 44.11
CA HIS I 35 60.66 -25.07 44.05
C HIS I 35 60.64 -24.57 42.62
N PRO I 36 59.59 -23.85 42.21
CA PRO I 36 59.53 -23.37 40.82
C PRO I 36 60.67 -22.44 40.44
N SER I 37 61.30 -21.76 41.40
CA SER I 37 62.45 -20.94 41.07
C SER I 37 63.58 -21.77 40.52
N SER I 38 63.86 -22.92 41.13
CA SER I 38 64.88 -23.83 40.60
C SER I 38 64.49 -24.33 39.23
N VAL I 39 63.20 -24.56 39.00
CA VAL I 39 62.73 -24.99 37.68
C VAL I 39 63.00 -23.92 36.65
N THR I 40 62.74 -22.65 36.99
CA THR I 40 63.01 -21.55 36.08
C THR I 40 64.50 -21.45 35.77
N LYS I 41 65.34 -21.59 36.80
CA LYS I 41 66.79 -21.55 36.58
C LYS I 41 67.22 -22.67 35.65
N MET I 42 66.72 -23.89 35.87
CA MET I 42 67.08 -25.01 35.02
C MET I 42 66.59 -24.81 33.59
N VAL I 43 65.39 -24.26 33.43
CA VAL I 43 64.86 -23.99 32.10
C VAL I 43 65.73 -22.99 31.37
N GLN I 44 66.15 -21.92 32.05
CA GLN I 44 67.03 -20.93 31.43
C GLN I 44 68.37 -21.56 31.06
N LYS I 45 68.93 -22.39 31.94
CA LYS I 45 70.20 -23.03 31.65
C LYS I 45 70.09 -23.97 30.45
N LEU I 46 69.01 -24.73 30.37
CA LEU I 46 68.80 -25.61 29.22
C LEU I 46 68.60 -24.81 27.94
N ASP I 47 67.91 -23.67 28.03
CA ASP I 47 67.80 -22.78 26.88
C ASP I 47 69.16 -22.28 26.43
N LYS I 48 70.04 -22.02 27.38
CA LYS I 48 71.42 -21.66 27.04
C LYS I 48 72.13 -22.79 26.31
N ASP I 49 71.72 -24.04 26.53
CA ASP I 49 72.31 -25.20 25.87
C ASP I 49 71.60 -25.56 24.57
N GLU I 50 70.61 -24.77 24.15
CA GLU I 50 69.90 -24.94 22.89
C GLU I 50 69.23 -26.31 22.78
N TYR I 51 68.75 -26.84 23.91
CA TYR I 51 67.99 -28.08 23.89
C TYR I 51 66.50 -27.83 23.70
N LEU I 52 66.01 -26.65 24.09
CA LEU I 52 64.61 -26.31 23.96
C LEU I 52 64.48 -24.80 23.80
N ILE I 53 63.33 -24.38 23.27
CA ILE I 53 63.02 -22.97 23.08
C ILE I 53 62.05 -22.55 24.16
N TYR I 54 62.40 -21.48 24.87
CA TYR I 54 61.61 -20.98 26.00
C TYR I 54 61.10 -19.59 25.69
N GLU I 55 59.82 -19.35 26.00
CA GLU I 55 59.21 -18.04 25.86
C GLU I 55 58.84 -17.48 27.22
N LYS I 56 59.08 -16.17 27.38
CA LYS I 56 59.23 -15.56 28.70
C LYS I 56 58.05 -15.86 29.62
N TYR I 57 56.84 -15.89 29.07
CA TYR I 57 55.66 -16.19 29.87
C TYR I 57 54.79 -17.25 29.24
N ARG I 58 55.11 -17.71 28.04
CA ARG I 58 54.30 -18.70 27.33
C ARG I 58 54.64 -20.12 27.77
N GLY I 59 55.86 -20.57 27.51
CA GLY I 59 56.20 -21.93 27.87
C GLY I 59 57.48 -22.44 27.22
N LEU I 60 57.54 -23.75 27.03
CA LEU I 60 58.70 -24.43 26.49
C LEU I 60 58.30 -25.34 25.34
N VAL I 61 59.19 -25.46 24.36
CA VAL I 61 59.01 -26.39 23.25
C VAL I 61 60.34 -27.10 23.01
N LEU I 62 60.29 -28.43 22.97
CA LEU I 62 61.50 -29.22 22.79
C LEU I 62 61.97 -29.21 21.35
N THR I 63 63.26 -29.43 21.16
CA THR I 63 63.87 -29.48 19.85
C THR I 63 64.04 -30.93 19.40
N SER I 64 64.48 -31.10 18.15
CA SER I 64 64.68 -32.44 17.60
C SER I 64 65.74 -33.20 18.39
N LYS I 65 66.87 -32.55 18.70
CA LYS I 65 67.87 -33.18 19.53
C LYS I 65 67.31 -33.50 20.92
N GLY I 66 66.56 -32.54 21.49
CA GLY I 66 65.91 -32.80 22.76
C GLY I 66 64.90 -33.93 22.68
N LYS I 67 64.18 -34.01 21.56
CA LYS I 67 63.22 -35.11 21.39
C LYS I 67 63.93 -36.46 21.34
N LYS I 68 65.05 -36.54 20.61
CA LYS I 68 65.79 -37.80 20.54
C LYS I 68 66.36 -38.18 21.90
N ILE I 69 66.92 -37.21 22.62
CA ILE I 69 67.48 -37.50 23.94
C ILE I 69 66.38 -37.96 24.89
N GLY I 70 65.23 -37.29 24.86
CA GLY I 70 64.12 -37.70 25.71
C GLY I 70 63.60 -39.08 25.36
N LYS I 71 63.51 -39.39 24.07
CA LYS I 71 63.07 -40.72 23.67
C LYS I 71 64.03 -41.80 24.15
N ARG I 72 65.34 -41.55 24.00
CA ARG I 72 66.32 -42.52 24.47
C ARG I 72 66.25 -42.70 25.99
N LEU I 73 66.10 -41.60 26.72
CA LEU I 73 66.02 -41.67 28.17
C LEU I 73 64.76 -42.39 28.63
N VAL I 74 63.64 -42.14 27.94
CA VAL I 74 62.40 -42.83 28.28
C VAL I 74 62.52 -44.32 28.00
N TYR I 75 63.17 -44.68 26.89
CA TYR I 75 63.40 -46.10 26.60
C TYR I 75 64.26 -46.74 27.68
N ARG I 76 65.32 -46.05 28.11
CA ARG I 76 66.15 -46.58 29.18
C ARG I 76 65.35 -46.74 30.48
N HIS I 77 64.54 -45.74 30.81
CA HIS I 77 63.75 -45.79 32.04
C HIS I 77 62.75 -46.95 32.01
N GLU I 78 62.06 -47.12 30.88
CA GLU I 78 61.06 -48.18 30.81
C GLU I 78 61.71 -49.56 30.81
N LEU I 79 62.87 -49.70 30.15
CA LEU I 79 63.53 -50.99 30.19
C LEU I 79 64.06 -51.30 31.58
N LEU I 80 64.54 -50.28 32.30
CA LEU I 80 64.94 -50.48 33.69
C LEU I 80 63.76 -50.91 34.55
N GLU I 81 62.61 -50.26 34.36
CA GLU I 81 61.42 -50.64 35.12
C GLU I 81 61.02 -52.08 34.83
N GLN I 82 61.03 -52.46 33.54
CA GLN I 82 60.67 -53.83 33.17
C GLN I 82 61.66 -54.83 33.76
N PHE I 83 62.96 -54.52 33.72
CA PHE I 83 63.96 -55.41 34.28
C PHE I 83 63.77 -55.59 35.78
N LEU I 84 63.52 -54.49 36.48
CA LEU I 84 63.31 -54.58 37.93
C LEU I 84 62.03 -55.34 38.26
N ARG I 85 60.99 -55.19 37.45
CA ARG I 85 59.75 -55.92 37.69
C ARG I 85 59.90 -57.39 37.38
N ILE I 86 60.78 -57.75 36.45
CA ILE I 86 60.96 -59.14 36.05
C ILE I 86 61.43 -59.98 37.23
N ILE I 87 62.40 -59.48 37.99
CA ILE I 87 62.96 -60.26 39.09
C ILE I 87 61.94 -60.46 40.19
N GLY I 88 61.09 -59.47 40.45
CA GLY I 88 60.07 -59.60 41.46
C GLY I 88 60.18 -58.61 42.60
N VAL I 89 60.77 -57.44 42.34
CA VAL I 89 60.90 -56.41 43.35
C VAL I 89 59.54 -55.75 43.58
N ASP I 90 59.31 -55.28 44.80
CA ASP I 90 58.06 -54.61 45.13
C ASP I 90 57.91 -53.33 44.31
N GLU I 91 56.69 -53.11 43.81
CA GLU I 91 56.44 -51.97 42.92
C GLU I 91 56.65 -50.64 43.62
N GLU I 92 56.53 -50.60 44.94
CA GLU I 92 56.66 -49.35 45.67
C GLU I 92 58.05 -48.75 45.52
N LYS I 93 59.09 -49.58 45.62
CA LYS I 93 60.47 -49.10 45.54
C LYS I 93 61.03 -49.13 44.13
N ILE I 94 60.30 -49.71 43.17
CA ILE I 94 60.84 -49.85 41.81
C ILE I 94 61.10 -48.49 41.19
N TYR I 95 60.12 -47.58 41.27
CA TYR I 95 60.29 -46.26 40.67
C TYR I 95 61.42 -45.49 41.35
N ASN I 96 61.50 -45.57 42.67
CA ASN I 96 62.55 -44.87 43.40
C ASN I 96 63.93 -45.38 43.00
N ASP I 97 64.09 -46.71 42.94
CA ASP I 97 65.39 -47.27 42.56
C ASP I 97 65.75 -46.92 41.13
N VAL I 98 64.78 -47.00 40.22
CA VAL I 98 65.05 -46.67 38.82
C VAL I 98 65.47 -45.21 38.69
N GLU I 99 64.76 -44.30 39.37
CA GLU I 99 65.11 -42.90 39.30
C GLU I 99 66.47 -42.63 39.94
N GLY I 100 66.83 -43.41 40.96
CA GLY I 100 68.13 -43.23 41.59
C GLY I 100 69.29 -43.74 40.77
N ILE I 101 69.07 -44.81 39.99
CA ILE I 101 70.16 -45.46 39.29
C ILE I 101 70.18 -45.16 37.80
N GLU I 102 69.19 -44.44 37.28
CA GLU I 102 69.13 -44.19 35.84
C GLU I 102 70.19 -43.22 35.35
N HIS I 103 70.91 -42.57 36.24
CA HIS I 103 71.88 -41.55 35.83
C HIS I 103 73.32 -42.00 35.98
N HIS I 104 73.61 -42.96 36.85
CA HIS I 104 74.96 -43.41 37.10
C HIS I 104 75.35 -44.64 36.29
N LEU I 105 74.46 -45.14 35.44
CA LEU I 105 74.71 -46.35 34.67
C LEU I 105 75.24 -46.01 33.29
N SER I 106 76.16 -46.85 32.80
CA SER I 106 76.70 -46.70 31.46
C SER I 106 75.77 -47.34 30.44
N TRP I 107 75.94 -46.94 29.17
CA TRP I 107 75.09 -47.46 28.11
C TRP I 107 75.37 -48.93 27.85
N ASN I 108 76.61 -49.38 28.04
CA ASN I 108 76.90 -50.81 27.89
C ASN I 108 76.13 -51.62 28.92
N SER I 109 76.04 -51.14 30.16
CA SER I 109 75.24 -51.81 31.17
C SER I 109 73.78 -51.85 30.76
N ILE I 110 73.29 -50.78 30.15
CA ILE I 110 71.91 -50.75 29.67
C ILE I 110 71.70 -51.81 28.59
N ASP I 111 72.66 -51.94 27.67
CA ASP I 111 72.56 -52.96 26.64
C ASP I 111 72.56 -54.35 27.25
N ARG I 112 73.41 -54.59 28.24
CA ARG I 112 73.44 -55.88 28.91
C ARG I 112 72.13 -56.19 29.63
N ILE I 113 71.54 -55.18 30.27
CA ILE I 113 70.25 -55.37 30.94
C ILE I 113 69.17 -55.70 29.91
N GLY I 114 69.18 -55.01 28.77
CA GLY I 114 68.22 -55.32 27.73
C GLY I 114 68.39 -56.72 27.18
N ASP I 115 69.65 -57.15 27.02
CA ASP I 115 69.91 -58.52 26.57
C ASP I 115 69.39 -59.54 27.58
N LEU I 116 69.59 -59.27 28.87
CA LEU I 116 69.09 -60.18 29.89
C LEU I 116 67.56 -60.24 29.88
N VAL I 117 66.91 -59.08 29.70
CA VAL I 117 65.46 -59.04 29.62
C VAL I 117 64.96 -59.83 28.42
N GLN I 118 65.62 -59.68 27.27
CA GLN I 118 65.26 -60.46 26.10
C GLN I 118 65.46 -61.95 26.32
N TYR I 119 66.54 -62.32 27.00
CA TYR I 119 66.79 -63.74 27.30
C TYR I 119 65.70 -64.31 28.19
N PHE I 120 65.29 -63.56 29.21
CA PHE I 120 64.28 -64.06 30.14
C PHE I 120 62.86 -63.92 29.61
N GLU I 121 62.66 -63.15 28.54
CA GLU I 121 61.33 -62.96 27.99
C GLU I 121 60.95 -64.03 26.96
N GLU I 122 61.94 -64.62 26.28
CA GLU I 122 61.64 -65.63 25.28
C GLU I 122 61.22 -66.96 25.89
N ASP I 123 61.52 -67.18 27.17
CA ASP I 123 61.18 -68.41 27.84
C ASP I 123 60.59 -68.10 29.21
N ASP I 124 59.50 -68.81 29.55
CA ASP I 124 58.88 -68.66 30.85
C ASP I 124 59.37 -69.69 31.87
N ALA I 125 59.94 -70.81 31.40
CA ALA I 125 60.49 -71.79 32.32
C ALA I 125 61.65 -71.21 33.12
N ARG I 126 62.46 -70.37 32.48
CA ARG I 126 63.55 -69.72 33.20
C ARG I 126 63.01 -68.82 34.31
N LYS I 127 61.95 -68.06 34.03
CA LYS I 127 61.35 -67.22 35.06
C LYS I 127 60.75 -68.05 36.18
N LYS I 128 60.11 -69.18 35.84
CA LYS I 128 59.56 -70.05 36.87
C LYS I 128 60.67 -70.64 37.75
N ASP I 129 61.78 -71.05 37.14
CA ASP I 129 62.91 -71.56 37.92
C ASP I 129 63.50 -70.46 38.80
N LEU I 130 63.57 -69.23 38.28
CA LEU I 130 64.05 -68.12 39.09
C LEU I 130 63.14 -67.88 40.29
N LYS I 131 61.82 -67.93 40.07
CA LYS I 131 60.89 -67.78 41.20
C LYS I 131 61.06 -68.90 42.21
N SER I 132 61.22 -70.14 41.73
CA SER I 132 61.37 -71.27 42.63
C SER I 132 62.64 -71.13 43.47
N ILE I 133 63.77 -70.81 42.85
CA ILE I 133 65.01 -70.67 43.60
C ILE I 133 64.94 -69.47 44.52
N GLN I 134 64.26 -68.40 44.10
CA GLN I 134 64.07 -67.25 44.97
C GLN I 134 63.31 -67.62 46.23
N LYS I 135 62.22 -68.38 46.08
CA LYS I 135 61.47 -68.82 47.25
C LYS I 135 62.30 -69.74 48.13
N LYS I 136 63.01 -70.70 47.51
CA LYS I 136 63.80 -71.66 48.28
C LYS I 136 64.95 -71.00 49.02
N THR I 137 65.46 -69.88 48.51
CA THR I 137 66.53 -69.16 49.19
C THR I 137 65.99 -68.10 50.17
N GLU I 138 64.77 -67.61 49.95
CA GLU I 138 64.14 -66.66 50.85
C GLU I 138 63.36 -67.35 51.96
N HIS I 139 63.37 -68.69 51.97
CA HIS I 139 62.81 -69.42 53.12
C HIS I 139 63.44 -68.97 54.43
N HIS I 140 64.70 -68.53 54.39
CA HIS I 140 65.34 -68.03 55.61
C HIS I 140 64.68 -66.76 56.12
N ASN I 141 64.14 -65.93 55.24
CA ASN I 141 63.41 -64.74 55.66
C ASN I 141 62.04 -65.06 56.23
N GLN I 142 61.52 -66.26 55.99
CA GLN I 142 60.21 -66.64 56.50
C GLN I 142 60.28 -66.97 57.98
N THR J 3 73.00 -38.33 55.44
CA THR J 3 73.83 -37.74 54.39
C THR J 3 74.84 -38.75 53.84
N PRO J 4 74.82 -38.95 52.53
CA PRO J 4 75.74 -39.91 51.91
C PRO J 4 77.21 -39.57 52.14
N SER J 5 77.54 -38.28 52.32
CA SER J 5 78.92 -37.90 52.55
C SER J 5 79.45 -38.51 53.84
N MET J 6 78.61 -38.57 54.89
CA MET J 6 79.04 -39.17 56.14
C MET J 6 79.40 -40.64 55.95
N GLU J 7 78.56 -41.40 55.25
CA GLU J 7 78.86 -42.80 54.99
C GLU J 7 80.10 -42.95 54.12
N ASP J 8 80.26 -42.09 53.13
CA ASP J 8 81.45 -42.16 52.28
C ASP J 8 82.72 -41.93 53.08
N TYR J 9 82.71 -40.92 53.95
CA TYR J 9 83.88 -40.66 54.78
C TYR J 9 84.14 -41.81 55.75
N ILE J 10 83.08 -42.37 56.34
CA ILE J 10 83.27 -43.48 57.27
C ILE J 10 83.87 -44.68 56.56
N GLU J 11 83.35 -45.00 55.37
CA GLU J 11 83.88 -46.11 54.59
C GLU J 11 85.35 -45.89 54.23
N GLN J 12 85.67 -44.68 53.76
CA GLN J 12 87.06 -44.40 53.39
C GLN J 12 87.99 -44.50 54.59
N ILE J 13 87.57 -43.96 55.74
CA ILE J 13 88.40 -44.02 56.94
C ILE J 13 88.59 -45.46 57.39
N TYR J 14 87.51 -46.25 57.37
CA TYR J 14 87.62 -47.64 57.79
C TYR J 14 88.55 -48.43 56.88
N MET J 15 88.41 -48.25 55.58
CA MET J 15 89.28 -48.96 54.64
C MET J 15 90.74 -48.52 54.80
N LEU J 16 90.98 -47.22 54.97
CA LEU J 16 92.34 -46.74 55.14
C LEU J 16 92.96 -47.26 56.42
N ILE J 17 92.18 -47.32 57.50
CA ILE J 17 92.70 -47.86 58.75
C ILE J 17 93.01 -49.36 58.61
N GLU J 18 92.11 -50.10 57.95
CA GLU J 18 92.36 -51.53 57.80
C GLU J 18 93.55 -51.81 56.88
N GLU J 19 93.83 -50.92 55.93
CA GLU J 19 94.93 -51.14 55.00
C GLU J 19 96.27 -50.68 55.59
N LYS J 20 96.31 -49.47 56.13
CA LYS J 20 97.55 -48.89 56.63
C LYS J 20 97.76 -49.09 58.13
N GLY J 21 96.69 -49.27 58.90
CA GLY J 21 96.79 -49.29 60.34
C GLY J 21 96.60 -47.94 61.00
N TYR J 22 96.50 -46.86 60.21
CA TYR J 22 96.32 -45.53 60.75
C TYR J 22 95.82 -44.61 59.63
N ALA J 23 94.90 -43.72 59.97
CA ALA J 23 94.32 -42.79 59.02
C ALA J 23 94.93 -41.41 59.20
N ARG J 24 95.30 -40.78 58.10
CA ARG J 24 95.85 -39.43 58.11
C ARG J 24 95.00 -38.51 57.25
N VAL J 25 95.02 -37.22 57.61
CA VAL J 25 94.16 -36.25 56.94
C VAL J 25 94.53 -36.11 55.47
N SER J 26 95.83 -36.04 55.18
CA SER J 26 96.28 -35.88 53.80
C SER J 26 95.86 -37.06 52.93
N ASP J 27 95.98 -38.27 53.47
CA ASP J 27 95.58 -39.45 52.70
C ASP J 27 94.08 -39.45 52.41
N ILE J 28 93.27 -39.06 53.40
CA ILE J 28 91.83 -38.99 53.18
C ILE J 28 91.50 -37.94 52.13
N ALA J 29 92.14 -36.77 52.22
CA ALA J 29 91.90 -35.72 51.24
C ALA J 29 92.28 -36.17 49.83
N GLU J 30 93.41 -36.85 49.70
CA GLU J 30 93.82 -37.35 48.39
C GLU J 30 92.86 -38.41 47.87
N ALA J 31 92.39 -39.29 48.75
CA ALA J 31 91.46 -40.34 48.33
C ALA J 31 90.14 -39.76 47.86
N LEU J 32 89.61 -38.77 48.58
CA LEU J 32 88.33 -38.17 48.22
C LEU J 32 88.48 -36.95 47.31
N ALA J 33 89.72 -36.58 46.95
CA ALA J 33 89.99 -35.49 46.02
C ALA J 33 89.31 -34.19 46.46
N VAL J 34 89.45 -33.88 47.75
CA VAL J 34 88.89 -32.67 48.32
C VAL J 34 89.96 -31.95 49.12
N HIS J 35 89.73 -30.66 49.37
CA HIS J 35 90.69 -29.86 50.11
C HIS J 35 90.75 -30.31 51.56
N PRO J 36 91.93 -30.27 52.20
CA PRO J 36 92.03 -30.72 53.59
C PRO J 36 91.16 -29.93 54.56
N SER J 37 90.81 -28.68 54.23
CA SER J 37 89.91 -27.93 55.10
C SER J 37 88.55 -28.60 55.19
N SER J 38 88.01 -29.05 54.05
CA SER J 38 86.75 -29.78 54.07
C SER J 38 86.89 -31.08 54.86
N VAL J 39 88.05 -31.73 54.77
CA VAL J 39 88.28 -32.95 55.53
C VAL J 39 88.24 -32.65 57.03
N THR J 40 88.86 -31.55 57.44
CA THR J 40 88.85 -31.17 58.86
C THR J 40 87.42 -30.86 59.32
N LYS J 41 86.66 -30.15 58.49
CA LYS J 41 85.27 -29.87 58.83
C LYS J 41 84.46 -31.16 59.00
N MET J 42 84.64 -32.10 58.06
CA MET J 42 83.92 -33.36 58.14
C MET J 42 84.34 -34.17 59.36
N VAL J 43 85.63 -34.15 59.69
CA VAL J 43 86.12 -34.86 60.86
C VAL J 43 85.50 -34.29 62.13
N GLN J 44 85.45 -32.96 62.23
CA GLN J 44 84.83 -32.33 63.39
C GLN J 44 83.35 -32.66 63.48
N LYS J 45 82.65 -32.65 62.34
CA LYS J 45 81.23 -32.97 62.34
C LYS J 45 80.99 -34.42 62.76
N LEU J 46 81.82 -35.35 62.28
CA LEU J 46 81.69 -36.74 62.68
C LEU J 46 82.01 -36.92 64.16
N ASP J 47 82.99 -36.18 64.67
CA ASP J 47 83.27 -36.20 66.11
C ASP J 47 82.07 -35.71 66.90
N LYS J 48 81.36 -34.72 66.37
CA LYS J 48 80.12 -34.28 67.00
C LYS J 48 79.07 -35.39 67.01
N ASP J 49 79.14 -36.33 66.08
CA ASP J 49 78.20 -37.45 66.01
C ASP J 49 78.68 -38.66 66.78
N GLU J 50 79.83 -38.56 67.47
CA GLU J 50 80.37 -39.63 68.32
C GLU J 50 80.62 -40.91 67.54
N TYR J 51 81.02 -40.79 66.27
CA TYR J 51 81.41 -41.96 65.49
C TYR J 51 82.89 -42.26 65.63
N LEU J 52 83.71 -41.26 65.94
CA LEU J 52 85.14 -41.44 66.10
C LEU J 52 85.67 -40.41 67.09
N ILE J 53 86.85 -40.70 67.64
CA ILE J 53 87.51 -39.80 68.57
C ILE J 53 88.65 -39.10 67.84
N TYR J 54 88.66 -37.78 67.91
CA TYR J 54 89.62 -36.96 67.20
C TYR J 54 90.48 -36.19 68.21
N GLU J 55 91.79 -36.16 67.95
CA GLU J 55 92.73 -35.40 68.76
C GLU J 55 93.34 -34.28 67.94
N LYS J 56 93.48 -33.12 68.58
CA LYS J 56 93.59 -31.84 67.89
C LYS J 56 94.70 -31.84 66.84
N TYR J 57 95.81 -32.50 67.14
CA TYR J 57 96.92 -32.58 66.19
C TYR J 57 97.43 -34.00 66.01
N ARG J 58 96.90 -34.97 66.75
CA ARG J 58 97.36 -36.35 66.67
C ARG J 58 96.68 -37.10 65.53
N GLY J 59 95.36 -37.28 65.61
CA GLY J 59 94.68 -38.02 64.58
C GLY J 59 93.28 -38.45 64.94
N LEU J 60 92.84 -39.56 64.33
CA LEU J 60 91.50 -40.09 64.51
C LEU J 60 91.56 -41.56 64.88
N VAL J 61 90.61 -41.99 65.70
CA VAL J 61 90.44 -43.39 66.04
C VAL J 61 88.96 -43.74 65.97
N LEU J 62 88.63 -44.79 65.23
CA LEU J 62 87.25 -45.19 65.03
C LEU J 62 86.70 -45.89 66.27
N THR J 63 85.38 -45.83 66.43
CA THR J 63 84.69 -46.48 67.53
C THR J 63 84.09 -47.80 67.08
N SER J 64 83.52 -48.54 68.04
CA SER J 64 82.94 -49.83 67.73
C SER J 64 81.76 -49.69 66.77
N LYS J 65 80.89 -48.71 67.01
CA LYS J 65 79.81 -48.44 66.07
C LYS J 65 80.37 -48.03 64.72
N GLY J 66 81.38 -47.16 64.72
CA GLY J 66 82.03 -46.79 63.47
C GLY J 66 82.67 -47.98 62.78
N LYS J 67 83.27 -48.89 63.56
CA LYS J 67 83.86 -50.08 62.98
C LYS J 67 82.81 -50.96 62.32
N LYS J 68 81.67 -51.15 62.97
CA LYS J 68 80.60 -51.96 62.38
C LYS J 68 80.05 -51.32 61.11
N ILE J 69 79.83 -50.00 61.15
CA ILE J 69 79.32 -49.31 59.97
C ILE J 69 80.30 -49.40 58.82
N GLY J 70 81.59 -49.21 59.12
CA GLY J 70 82.60 -49.33 58.07
C GLY J 70 82.69 -50.73 57.51
N LYS J 71 82.60 -51.75 58.36
CA LYS J 71 82.64 -53.12 57.87
C LYS J 71 81.45 -53.40 56.96
N ARG J 72 80.26 -52.96 57.36
CA ARG J 72 79.07 -53.18 56.53
C ARG J 72 79.21 -52.45 55.20
N LEU J 73 79.71 -51.22 55.22
CA LEU J 73 79.86 -50.45 53.99
C LEU J 73 80.91 -51.07 53.08
N VAL J 74 82.01 -51.58 53.65
CA VAL J 74 83.03 -52.24 52.85
C VAL J 74 82.48 -53.51 52.24
N TYR J 75 81.68 -54.26 53.00
CA TYR J 75 81.04 -55.45 52.45
C TYR J 75 80.13 -55.10 51.28
N ARG J 76 79.32 -54.05 51.44
CA ARG J 76 78.45 -53.60 50.36
C ARG J 76 79.28 -53.19 49.14
N HIS J 77 80.36 -52.44 49.35
CA HIS J 77 81.18 -51.97 48.25
C HIS J 77 81.81 -53.14 47.50
N GLU J 78 82.35 -54.11 48.23
CA GLU J 78 83.01 -55.24 47.58
C GLU J 78 82.01 -56.13 46.86
N LEU J 79 80.82 -56.31 47.43
CA LEU J 79 79.81 -57.12 46.72
C LEU J 79 79.32 -56.40 45.47
N LEU J 80 79.21 -55.06 45.53
CA LEU J 80 78.86 -54.31 44.33
C LEU J 80 79.94 -54.46 43.27
N GLU J 81 81.22 -54.37 43.67
CA GLU J 81 82.30 -54.54 42.71
C GLU J 81 82.26 -55.91 42.07
N GLN J 82 82.06 -56.95 42.89
CA GLN J 82 82.00 -58.31 42.36
C GLN J 82 80.82 -58.49 41.42
N PHE J 83 79.66 -57.93 41.77
CA PHE J 83 78.49 -58.03 40.92
C PHE J 83 78.72 -57.33 39.58
N LEU J 84 79.33 -56.15 39.60
CA LEU J 84 79.59 -55.43 38.36
C LEU J 84 80.63 -56.16 37.51
N ARG J 85 81.62 -56.79 38.16
CA ARG J 85 82.64 -57.54 37.41
C ARG J 85 82.07 -58.82 36.83
N ILE J 86 81.04 -59.40 37.48
CA ILE J 86 80.47 -60.66 37.00
C ILE J 86 79.87 -60.49 35.61
N ILE J 87 79.13 -59.40 35.39
CA ILE J 87 78.45 -59.22 34.11
C ILE J 87 79.46 -59.02 32.99
N GLY J 88 80.56 -58.32 33.27
CA GLY J 88 81.58 -58.10 32.27
C GLY J 88 81.82 -56.64 31.92
N VAL J 89 81.57 -55.74 32.87
CA VAL J 89 81.80 -54.32 32.65
C VAL J 89 83.29 -54.04 32.71
N ASP J 90 83.74 -53.03 31.96
CA ASP J 90 85.14 -52.66 31.96
C ASP J 90 85.58 -52.19 33.33
N GLU J 91 86.77 -52.63 33.74
CA GLU J 91 87.25 -52.34 35.09
C GLU J 91 87.48 -50.85 35.31
N GLU J 92 87.70 -50.09 34.25
CA GLU J 92 87.97 -48.66 34.40
C GLU J 92 86.78 -47.92 35.01
N LYS J 93 85.57 -48.23 34.56
CA LYS J 93 84.38 -47.54 35.05
C LYS J 93 83.72 -48.24 36.23
N ILE J 94 84.21 -49.43 36.60
CA ILE J 94 83.56 -50.19 37.67
C ILE J 94 83.63 -49.43 38.99
N TYR J 95 84.82 -48.93 39.34
CA TYR J 95 84.98 -48.23 40.61
C TYR J 95 84.15 -46.95 40.62
N ASN J 96 84.16 -46.21 39.51
CA ASN J 96 83.39 -44.97 39.44
C ASN J 96 81.89 -45.24 39.61
N ASP J 97 81.37 -46.25 38.92
CA ASP J 97 79.95 -46.56 39.03
C ASP J 97 79.60 -47.03 40.43
N VAL J 98 80.45 -47.88 41.03
CA VAL J 98 80.18 -48.36 42.38
C VAL J 98 80.16 -47.21 43.37
N GLU J 99 81.14 -46.31 43.26
CA GLU J 99 81.19 -45.16 44.17
C GLU J 99 80.00 -44.23 43.94
N GLY J 100 79.51 -44.14 42.71
CA GLY J 100 78.36 -43.29 42.44
C GLY J 100 77.05 -43.86 42.93
N ILE J 101 76.92 -45.18 42.92
CA ILE J 101 75.63 -45.82 43.23
C ILE J 101 75.59 -46.44 44.62
N GLU J 102 76.71 -46.46 45.35
CA GLU J 102 76.73 -47.12 46.65
C GLU J 102 75.94 -46.38 47.72
N HIS J 103 75.50 -45.16 47.45
CA HIS J 103 74.83 -44.36 48.46
C HIS J 103 73.33 -44.25 48.24
N HIS J 104 72.85 -44.40 47.01
CA HIS J 104 71.44 -44.24 46.69
C HIS J 104 70.67 -45.55 46.68
N LEU J 105 71.34 -46.67 46.98
CA LEU J 105 70.71 -47.98 46.94
C LEU J 105 70.19 -48.38 48.30
N SER J 106 69.05 -49.07 48.32
CA SER J 106 68.48 -49.59 49.55
C SER J 106 69.10 -50.93 49.91
N TRP J 107 68.97 -51.30 51.19
CA TRP J 107 69.57 -52.54 51.66
C TRP J 107 68.88 -53.77 51.06
N ASN J 108 67.58 -53.67 50.77
CA ASN J 108 66.89 -54.76 50.11
C ASN J 108 67.48 -55.01 48.72
N SER J 109 67.79 -53.93 47.99
CA SER J 109 68.44 -54.08 46.69
C SER J 109 69.81 -54.74 46.84
N ILE J 110 70.53 -54.39 47.91
CA ILE J 110 71.83 -55.02 48.17
C ILE J 110 71.66 -56.52 48.40
N ASP J 111 70.65 -56.89 49.18
CA ASP J 111 70.38 -58.30 49.42
C ASP J 111 70.04 -59.02 48.12
N ARG J 112 69.23 -58.40 47.27
CA ARG J 112 68.89 -59.00 45.99
C ARG J 112 70.12 -59.17 45.09
N ILE J 113 71.00 -58.17 45.08
CA ILE J 113 72.23 -58.27 44.30
C ILE J 113 73.11 -59.41 44.83
N GLY J 114 73.21 -59.53 46.15
CA GLY J 114 73.97 -60.64 46.72
C GLY J 114 73.37 -61.98 46.38
N ASP J 115 72.05 -62.08 46.39
CA ASP J 115 71.38 -63.33 46.00
C ASP J 115 71.67 -63.66 44.54
N LEU J 116 71.64 -62.65 43.66
CA LEU J 116 71.95 -62.88 42.25
C LEU J 116 73.40 -63.34 42.08
N VAL J 117 74.32 -62.73 42.82
CA VAL J 117 75.73 -63.12 42.75
C VAL J 117 75.90 -64.56 43.22
N GLN J 118 75.22 -64.94 44.31
CA GLN J 118 75.28 -66.32 44.78
C GLN J 118 74.70 -67.28 43.74
N TYR J 119 73.59 -66.89 43.10
CA TYR J 119 72.99 -67.74 42.08
C TYR J 119 73.94 -67.95 40.90
N PHE J 120 74.62 -66.88 40.47
CA PHE J 120 75.51 -67.00 39.31
C PHE J 120 76.87 -67.57 39.68
N GLU J 121 77.19 -67.65 40.97
CA GLU J 121 78.49 -68.18 41.38
C GLU J 121 78.48 -69.70 41.55
N GLU J 122 77.33 -70.30 41.87
CA GLU J 122 77.27 -71.74 42.08
C GLU J 122 77.34 -72.50 40.77
N ASP J 123 77.09 -71.86 39.64
CA ASP J 123 77.13 -72.51 38.34
C ASP J 123 77.87 -71.63 37.36
N ASP J 124 78.74 -72.26 36.55
CA ASP J 124 79.47 -71.55 35.52
C ASP J 124 78.79 -71.62 34.15
N ALA J 125 77.91 -72.61 33.95
CA ALA J 125 77.18 -72.69 32.69
C ALA J 125 76.28 -71.48 32.50
N ARG J 126 75.68 -70.97 33.59
CA ARG J 126 74.88 -69.76 33.50
C ARG J 126 75.71 -68.57 33.06
N LYS J 127 76.92 -68.43 33.61
CA LYS J 127 77.80 -67.34 33.20
C LYS J 127 78.22 -67.49 31.74
N LYS J 128 78.50 -68.73 31.31
CA LYS J 128 78.86 -68.94 29.91
C LYS J 128 77.71 -68.60 28.98
N ASP J 129 76.48 -68.97 29.35
CA ASP J 129 75.32 -68.62 28.55
C ASP J 129 75.11 -67.10 28.53
N LEU J 130 75.34 -66.43 29.66
CA LEU J 130 75.25 -64.98 29.70
C LEU J 130 76.27 -64.35 28.77
N LYS J 131 77.51 -64.86 28.77
CA LYS J 131 78.52 -64.33 27.87
C LYS J 131 78.13 -64.56 26.41
N SER J 132 77.60 -65.75 26.10
CA SER J 132 77.20 -66.05 24.73
C SER J 132 76.09 -65.13 24.26
N ILE J 133 75.04 -64.95 25.08
CA ILE J 133 73.94 -64.08 24.68
C ILE J 133 74.41 -62.62 24.60
N GLN J 134 75.33 -62.23 25.49
CA GLN J 134 75.89 -60.89 25.44
C GLN J 134 76.60 -60.65 24.12
N LYS J 135 77.43 -61.61 23.68
CA LYS J 135 78.12 -61.45 22.41
C LYS J 135 77.12 -61.44 21.24
N LYS J 136 76.14 -62.35 21.28
CA LYS J 136 75.17 -62.43 20.18
C LYS J 136 74.30 -61.18 20.08
N THR J 137 74.08 -60.49 21.19
CA THR J 137 73.31 -59.26 21.17
C THR J 137 74.18 -58.03 20.93
N GLU J 138 75.46 -58.09 21.27
CA GLU J 138 76.39 -57.01 21.02
C GLU J 138 77.03 -57.09 19.63
N HIS J 139 76.66 -58.12 18.85
CA HIS J 139 77.08 -58.16 17.45
C HIS J 139 76.69 -56.89 16.70
N HIS J 140 75.60 -56.23 17.12
CA HIS J 140 75.21 -54.98 16.49
C HIS J 140 76.23 -53.87 16.73
N ASN J 141 76.92 -53.90 17.87
CA ASN J 141 77.97 -52.92 18.14
C ASN J 141 79.23 -53.20 17.35
N GLN J 142 79.38 -54.40 16.80
CA GLN J 142 80.57 -54.75 16.03
C GLN J 142 80.52 -54.11 14.64
#